data_6O9H
#
_entry.id   6O9H
#
_cell.length_a   74.078
_cell.length_b   48.974
_cell.length_c   150.908
_cell.angle_alpha   90.000
_cell.angle_beta   101.080
_cell.angle_gamma   90.000
#
_symmetry.space_group_name_H-M   'P 1 21 1'
#
loop_
_entity.id
_entity.type
_entity.pdbx_description
1 polymer 'Heavy chain'
2 polymer 'Light chain'
3 polymer 'Gastric inhibitory polypeptide receptor'
4 non-polymer 'SODIUM ION'
5 water water
#
loop_
_entity_poly.entity_id
_entity_poly.type
_entity_poly.pdbx_seq_one_letter_code
_entity_poly.pdbx_strand_id
1 'polypeptide(L)'
;DVQLVESGGGLVQPGGSRKLSCAASGFTFSSFGMHWVRQAPEKGLEWVAYISSGSSTIYYADTVKGRFTISRDNPKNTLF
LQMTSLRSEDTAMYYCARGKYPTWIAYWGQGTLVTVSAAKTTPPSVYPLAPGSAAQTNSMVTLGCLVKGYFPEPVTVTWN
SGSLSSGVHTFPAVLQSDLYTLSSSVTVPSSTWPSETVTCNVAHPASSTKVDKKIVPRDCGCKPC
;
H,A
2 'polypeptide(L)'
;DIVMTQSPSSLTVTAGEKVTMSCKSSQSLLNSGNQKNYLTWYQQKPGQPPKLLISWASTRDSGVPDRFTGSGSGTDFTLT
ISSVQAEDLAVYYCQNDYSYPLTFGAGTKLELKRADAAPTVSIFPPSSEQLTSGGASVVCFLNNFYPKDINVKWKIDGSE
RQNGVLNSWTDQDSKDSTYSMSSTLTLTKDEYERHNSYTCEATHKTSTSPIVKSFNRNEC
;
L,B
3 'polypeptide(L)'
;MGSSHHHHHHSSGLVPRGSHMETDSEGQTTTGELYQRWEHYGQECQKMLETTEPPSGLACNGSFDMYACWNYTAANTTAR
VSCPWYLPWFRQVSAGFVFRQCGSDGQWGSWRDHTQCENPEKNGAFQDQTLILERLQ
;
D,C
#
loop_
_chem_comp.id
_chem_comp.type
_chem_comp.name
_chem_comp.formula
NA non-polymer 'SODIUM ION' 'Na 1'
#
# COMPACT_ATOMS: atom_id res chain seq x y z
N ASP A 1 -27.74 -1.32 12.65
CA ASP A 1 -26.36 -1.22 13.09
C ASP A 1 -25.38 -1.29 11.93
N VAL A 2 -24.17 -0.75 12.14
CA VAL A 2 -23.12 -0.85 11.16
C VAL A 2 -22.56 -2.27 11.16
N GLN A 3 -22.41 -2.85 9.97
CA GLN A 3 -21.70 -4.13 9.86
C GLN A 3 -20.92 -4.15 8.55
N LEU A 4 -19.69 -4.63 8.64
CA LEU A 4 -18.82 -4.85 7.49
C LEU A 4 -18.49 -6.33 7.41
N VAL A 5 -18.74 -6.94 6.26
CA VAL A 5 -18.48 -8.37 6.07
C VAL A 5 -17.44 -8.51 4.96
N GLU A 6 -16.22 -8.89 5.34
CA GLU A 6 -15.16 -9.09 4.37
C GLU A 6 -15.30 -10.44 3.68
N SER A 7 -14.64 -10.55 2.53
CA SER A 7 -14.70 -11.77 1.73
C SER A 7 -13.49 -11.80 0.80
N GLY A 8 -13.18 -12.99 0.31
CA GLY A 8 -12.13 -13.17 -0.66
C GLY A 8 -10.81 -13.67 -0.14
N GLY A 9 -10.72 -14.06 1.13
CA GLY A 9 -9.49 -14.59 1.65
C GLY A 9 -9.22 -16.02 1.21
N GLY A 10 -8.01 -16.46 1.46
CA GLY A 10 -7.63 -17.82 1.08
C GLY A 10 -6.13 -17.90 0.83
N LEU A 11 -5.75 -18.89 0.03
CA LEU A 11 -4.35 -19.20 -0.25
C LEU A 11 -3.94 -18.53 -1.56
N VAL A 12 -2.78 -17.87 -1.55
CA VAL A 12 -2.21 -17.26 -2.74
C VAL A 12 -0.74 -17.65 -2.80
N GLN A 13 -0.27 -18.00 -4.00
CA GLN A 13 1.14 -18.32 -4.18
C GLN A 13 1.98 -17.05 -4.15
N PRO A 14 3.21 -17.12 -3.66
CA PRO A 14 4.06 -15.92 -3.60
C PRO A 14 4.22 -15.28 -4.99
N GLY A 15 3.86 -14.00 -5.08
CA GLY A 15 3.89 -13.29 -6.33
C GLY A 15 2.57 -13.26 -7.09
N GLY A 16 1.55 -13.95 -6.58
CA GLY A 16 0.26 -13.98 -7.23
C GLY A 16 -0.62 -12.80 -6.83
N SER A 17 -1.88 -12.88 -7.24
CA SER A 17 -2.85 -11.82 -7.01
C SER A 17 -4.07 -12.37 -6.28
N ARG A 18 -4.83 -11.45 -5.68
CA ARG A 18 -6.02 -11.78 -4.91
C ARG A 18 -6.79 -10.49 -4.66
N LYS A 19 -8.11 -10.55 -4.82
CA LYS A 19 -8.99 -9.39 -4.69
C LYS A 19 -9.92 -9.61 -3.51
N LEU A 20 -9.86 -8.72 -2.52
CA LEU A 20 -10.74 -8.78 -1.37
C LEU A 20 -11.93 -7.85 -1.56
N SER A 21 -13.07 -8.25 -1.00
CA SER A 21 -14.29 -7.45 -1.03
C SER A 21 -14.83 -7.29 0.39
N CYS A 22 -15.59 -6.22 0.59
CA CYS A 22 -16.12 -5.84 1.91
C CYS A 22 -17.53 -5.32 1.69
N ALA A 23 -18.53 -6.07 2.15
CA ALA A 23 -19.93 -5.68 1.99
C ALA A 23 -20.39 -4.90 3.21
N ALA A 24 -20.86 -3.68 2.99
CA ALA A 24 -21.25 -2.78 4.07
C ALA A 24 -22.76 -2.59 4.09
N SER A 25 -23.30 -2.42 5.29
CA SER A 25 -24.72 -2.12 5.47
C SER A 25 -24.90 -1.40 6.79
N GLY A 26 -26.10 -0.84 6.98
CA GLY A 26 -26.41 -0.13 8.19
C GLY A 26 -26.01 1.34 8.21
N PHE A 27 -25.51 1.86 7.10
CA PHE A 27 -25.17 3.28 7.01
C PHE A 27 -25.15 3.67 5.53
N THR A 28 -25.01 4.98 5.30
CA THR A 28 -24.94 5.51 3.94
C THR A 28 -23.51 5.32 3.43
N PHE A 29 -23.30 4.18 2.76
CA PHE A 29 -21.95 3.79 2.35
C PHE A 29 -21.30 4.87 1.48
N SER A 30 -22.07 5.45 0.56
CA SER A 30 -21.52 6.45 -0.35
C SER A 30 -21.04 7.71 0.36
N SER A 31 -21.33 7.86 1.65
CA SER A 31 -20.97 9.07 2.38
C SER A 31 -19.69 8.92 3.19
N PHE A 32 -19.12 7.72 3.28
CA PHE A 32 -18.00 7.47 4.17
C PHE A 32 -16.76 7.05 3.40
N GLY A 33 -15.61 7.57 3.83
CA GLY A 33 -14.36 6.98 3.42
C GLY A 33 -14.14 5.65 4.11
N MET A 34 -13.36 4.79 3.46
CA MET A 34 -13.18 3.41 3.91
C MET A 34 -11.70 3.07 3.96
N HIS A 35 -11.35 2.20 4.91
CA HIS A 35 -9.97 1.77 5.09
C HIS A 35 -9.86 0.26 4.93
N TRP A 36 -8.65 -0.18 4.60
CA TRP A 36 -8.23 -1.55 4.80
C TRP A 36 -7.11 -1.57 5.83
N VAL A 37 -7.25 -2.44 6.83
CA VAL A 37 -6.24 -2.65 7.85
C VAL A 37 -5.98 -4.15 7.94
N ARG A 38 -4.73 -4.53 8.12
CA ARG A 38 -4.38 -5.94 8.22
C ARG A 38 -3.70 -6.23 9.54
N GLN A 39 -3.62 -7.51 9.88
CA GLN A 39 -3.05 -7.96 11.13
C GLN A 39 -2.37 -9.31 10.89
N ALA A 40 -1.04 -9.31 10.88
CA ALA A 40 -0.30 -10.55 10.78
C ALA A 40 -0.63 -11.43 11.99
N PRO A 41 -0.60 -12.76 11.83
CA PRO A 41 -0.97 -13.64 12.95
C PRO A 41 -0.07 -13.41 14.16
N GLU A 42 -0.71 -13.33 15.33
CA GLU A 42 -0.07 -13.08 16.62
C GLU A 42 0.63 -11.73 16.68
N LYS A 43 0.38 -10.84 15.73
CA LYS A 43 1.04 -9.55 15.68
C LYS A 43 0.01 -8.43 15.76
N GLY A 44 0.49 -7.19 15.57
CA GLY A 44 -0.33 -6.01 15.75
C GLY A 44 -1.01 -5.56 14.47
N LEU A 45 -1.56 -4.36 14.52
CA LEU A 45 -2.37 -3.80 13.46
C LEU A 45 -1.54 -2.87 12.58
N GLU A 46 -1.72 -3.00 11.26
CA GLU A 46 -1.02 -2.17 10.29
C GLU A 46 -2.03 -1.61 9.30
N TRP A 47 -2.15 -0.29 9.26
CA TRP A 47 -3.04 0.34 8.29
C TRP A 47 -2.47 0.19 6.89
N VAL A 48 -3.34 -0.08 5.92
CA VAL A 48 -2.93 -0.44 4.57
C VAL A 48 -3.32 0.64 3.55
N ALA A 49 -4.60 1.02 3.51
CA ALA A 49 -5.06 1.92 2.48
C ALA A 49 -6.36 2.61 2.90
N TYR A 50 -6.64 3.74 2.26
CA TYR A 50 -7.85 4.52 2.48
C TYR A 50 -8.36 5.02 1.15
N ILE A 51 -9.69 5.05 0.99
CA ILE A 51 -10.32 5.64 -0.18
C ILE A 51 -11.46 6.53 0.31
N SER A 52 -11.51 7.76 -0.20
CA SER A 52 -12.56 8.69 0.19
C SER A 52 -13.90 8.23 -0.38
N SER A 53 -14.98 8.85 0.11
CA SER A 53 -16.32 8.41 -0.24
C SER A 53 -16.56 8.46 -1.75
N GLY A 54 -16.02 9.48 -2.42
CA GLY A 54 -16.18 9.61 -3.85
C GLY A 54 -15.03 9.07 -4.68
N SER A 55 -14.09 8.35 -4.06
CA SER A 55 -12.90 7.81 -4.72
C SER A 55 -11.99 8.91 -5.28
N SER A 56 -12.07 10.12 -4.71
CA SER A 56 -11.32 11.25 -5.24
C SER A 56 -9.93 11.38 -4.63
N THR A 57 -9.75 11.01 -3.37
CA THR A 57 -8.43 10.96 -2.75
C THR A 57 -8.20 9.58 -2.15
N ILE A 58 -6.95 9.12 -2.23
CA ILE A 58 -6.57 7.78 -1.80
C ILE A 58 -5.19 7.86 -1.17
N TYR A 59 -5.01 7.17 -0.05
CA TYR A 59 -3.72 7.02 0.60
C TYR A 59 -3.35 5.55 0.67
N TYR A 60 -2.06 5.26 0.50
CA TYR A 60 -1.52 3.91 0.64
C TYR A 60 -0.37 3.93 1.64
N ALA A 61 -0.20 2.82 2.35
CA ALA A 61 1.00 2.62 3.15
C ALA A 61 2.18 2.30 2.25
N ASP A 62 3.39 2.63 2.73
CA ASP A 62 4.58 2.42 1.92
C ASP A 62 4.76 0.96 1.54
N THR A 63 4.55 0.05 2.49
CA THR A 63 4.74 -1.38 2.28
C THR A 63 3.76 -1.97 1.28
N VAL A 64 2.98 -1.17 0.56
CA VAL A 64 1.87 -1.69 -0.21
C VAL A 64 1.72 -0.88 -1.50
N LYS A 65 2.17 0.38 -1.46
CA LYS A 65 2.05 1.26 -2.63
C LYS A 65 2.77 0.66 -3.82
N GLY A 66 2.10 0.68 -4.97
CA GLY A 66 2.58 0.08 -6.19
C GLY A 66 2.01 -1.30 -6.47
N ARG A 67 1.63 -2.04 -5.42
CA ARG A 67 1.13 -3.40 -5.55
C ARG A 67 -0.36 -3.53 -5.32
N PHE A 68 -0.92 -2.79 -4.37
CA PHE A 68 -2.33 -2.89 -4.02
C PHE A 68 -3.09 -1.70 -4.59
N THR A 69 -4.33 -1.94 -4.99
CA THR A 69 -5.23 -0.90 -5.47
C THR A 69 -6.53 -0.98 -4.70
N ILE A 70 -6.90 0.10 -4.02
CA ILE A 70 -8.15 0.18 -3.28
C ILE A 70 -9.19 0.84 -4.17
N SER A 71 -10.41 0.32 -4.13
CA SER A 71 -11.49 0.82 -4.98
C SER A 71 -12.81 0.45 -4.33
N ARG A 72 -13.89 1.01 -4.86
CA ARG A 72 -15.21 0.82 -4.28
C ARG A 72 -16.28 0.91 -5.35
N ASP A 73 -17.44 0.32 -5.05
CA ASP A 73 -18.63 0.38 -5.89
C ASP A 73 -19.75 0.85 -4.97
N ASN A 74 -19.98 2.16 -4.95
CA ASN A 74 -20.96 2.74 -4.02
C ASN A 74 -22.37 2.20 -4.20
N PRO A 75 -22.93 2.10 -5.41
CA PRO A 75 -24.29 1.53 -5.52
C PRO A 75 -24.41 0.13 -4.94
N LYS A 76 -23.37 -0.68 -5.06
CA LYS A 76 -23.39 -2.04 -4.53
C LYS A 76 -22.82 -2.13 -3.12
N ASN A 77 -22.55 -0.98 -2.47
CA ASN A 77 -22.12 -0.92 -1.07
C ASN A 77 -20.92 -1.84 -0.80
N THR A 78 -19.93 -1.79 -1.67
CA THR A 78 -18.82 -2.73 -1.60
C THR A 78 -17.48 -2.02 -1.70
N LEU A 79 -16.58 -2.36 -0.79
CA LEU A 79 -15.19 -1.92 -0.80
C LEU A 79 -14.34 -3.03 -1.38
N PHE A 80 -13.35 -2.67 -2.20
CA PHE A 80 -12.46 -3.64 -2.83
C PHE A 80 -11.01 -3.37 -2.45
N LEU A 81 -10.21 -4.43 -2.46
CA LEU A 81 -8.76 -4.33 -2.33
C LEU A 81 -8.13 -5.33 -3.30
N GLN A 82 -7.51 -4.83 -4.36
CA GLN A 82 -6.84 -5.68 -5.34
C GLN A 82 -5.37 -5.78 -4.97
N MET A 83 -4.95 -6.97 -4.54
CA MET A 83 -3.57 -7.21 -4.15
C MET A 83 -2.82 -7.94 -5.26
N THR A 84 -1.58 -7.52 -5.49
CA THR A 84 -0.73 -8.14 -6.49
C THR A 84 0.68 -8.28 -5.95
N SER A 85 1.48 -9.13 -6.61
CA SER A 85 2.87 -9.39 -6.24
C SER A 85 2.98 -9.70 -4.75
N LEU A 86 2.11 -10.58 -4.28
CA LEU A 86 2.05 -10.91 -2.86
C LEU A 86 3.28 -11.69 -2.44
N ARG A 87 3.65 -11.53 -1.16
CA ARG A 87 4.79 -12.23 -0.58
C ARG A 87 4.40 -12.74 0.80
N SER A 88 5.31 -13.51 1.41
CA SER A 88 5.02 -14.13 2.69
CA SER A 88 5.02 -14.13 2.69
C SER A 88 4.61 -13.11 3.74
N GLU A 89 5.24 -11.93 3.73
CA GLU A 89 4.94 -10.92 4.73
C GLU A 89 3.58 -10.26 4.53
N ASP A 90 2.88 -10.55 3.44
CA ASP A 90 1.51 -10.08 3.28
C ASP A 90 0.48 -10.99 3.95
N THR A 91 0.91 -12.11 4.49
CA THR A 91 0.00 -13.02 5.19
C THR A 91 -0.57 -12.34 6.42
N ALA A 92 -1.88 -12.12 6.44
CA ALA A 92 -2.51 -11.39 7.53
C ALA A 92 -4.02 -11.56 7.45
N MET A 93 -4.67 -11.28 8.58
CA MET A 93 -6.11 -11.07 8.59
C MET A 93 -6.39 -9.64 8.12
N TYR A 94 -7.23 -9.50 7.10
CA TYR A 94 -7.46 -8.20 6.48
C TYR A 94 -8.82 -7.66 6.90
N TYR A 95 -8.81 -6.49 7.53
CA TYR A 95 -10.01 -5.82 7.99
C TYR A 95 -10.32 -4.62 7.09
N CYS A 96 -11.60 -4.45 6.77
CA CYS A 96 -12.09 -3.18 6.26
C CYS A 96 -12.71 -2.39 7.40
N ALA A 97 -12.63 -1.06 7.31
CA ALA A 97 -13.02 -0.23 8.43
C ALA A 97 -13.67 1.06 7.94
N ARG A 98 -14.62 1.54 8.72
CA ARG A 98 -15.32 2.79 8.47
C ARG A 98 -15.01 3.77 9.60
N GLY A 99 -15.05 5.06 9.28
CA GLY A 99 -14.75 6.08 10.26
C GLY A 99 -15.97 6.56 11.02
N LYS A 100 -15.71 7.40 12.02
CA LYS A 100 -16.78 8.01 12.82
C LYS A 100 -16.15 9.22 13.51
N TYR A 101 -16.46 10.41 13.00
CA TYR A 101 -15.83 11.62 13.50
C TYR A 101 -15.93 11.67 15.03
N PRO A 102 -14.83 11.96 15.74
CA PRO A 102 -13.58 12.49 15.20
C PRO A 102 -12.49 11.53 14.70
N THR A 103 -12.74 10.22 14.57
CA THR A 103 -11.67 9.30 14.20
C THR A 103 -11.84 8.77 12.77
N TRP A 104 -10.69 8.46 12.15
CA TRP A 104 -10.67 7.87 10.81
C TRP A 104 -11.16 6.44 10.82
N ILE A 105 -10.94 5.71 11.90
CA ILE A 105 -11.19 4.26 11.96
C ILE A 105 -11.99 3.98 13.23
N ALA A 106 -13.22 3.50 13.05
CA ALA A 106 -14.08 3.26 14.20
C ALA A 106 -14.71 1.86 14.18
N TYR A 107 -15.35 1.51 13.07
CA TYR A 107 -16.03 0.22 12.95
C TYR A 107 -15.19 -0.73 12.09
N TRP A 108 -15.04 -1.95 12.57
CA TRP A 108 -14.25 -2.97 11.89
C TRP A 108 -15.14 -4.12 11.47
N GLY A 109 -14.78 -4.76 10.35
CA GLY A 109 -15.44 -5.98 9.92
C GLY A 109 -14.87 -7.19 10.65
N GLN A 110 -15.47 -8.35 10.36
CA GLN A 110 -15.00 -9.58 10.98
C GLN A 110 -13.63 -9.99 10.48
N GLY A 111 -13.24 -9.55 9.28
CA GLY A 111 -11.96 -9.87 8.71
C GLY A 111 -11.99 -11.12 7.83
N THR A 112 -11.04 -11.18 6.93
CA THR A 112 -10.83 -12.36 6.09
C THR A 112 -9.34 -12.67 6.05
N LEU A 113 -9.00 -13.95 6.12
CA LEU A 113 -7.61 -14.37 6.28
C LEU A 113 -6.99 -14.65 4.92
N VAL A 114 -5.83 -14.06 4.68
CA VAL A 114 -5.08 -14.23 3.43
C VAL A 114 -3.75 -14.88 3.77
N THR A 115 -3.50 -16.06 3.21
CA THR A 115 -2.27 -16.80 3.41
C THR A 115 -1.48 -16.82 2.11
N VAL A 116 -0.26 -16.28 2.14
CA VAL A 116 0.62 -16.29 0.98
C VAL A 116 1.67 -17.37 1.22
N SER A 117 1.56 -18.47 0.49
CA SER A 117 2.46 -19.60 0.68
C SER A 117 2.50 -20.42 -0.60
N ALA A 118 3.63 -21.10 -0.82
CA ALA A 118 3.78 -22.02 -1.93
C ALA A 118 3.17 -23.38 -1.65
N ALA A 119 2.82 -23.66 -0.39
CA ALA A 119 2.20 -24.93 -0.04
C ALA A 119 0.83 -25.04 -0.71
N LYS A 120 0.31 -26.26 -0.73
CA LYS A 120 -0.90 -26.60 -1.49
C LYS A 120 -2.08 -26.80 -0.55
N THR A 121 -3.26 -26.36 -0.99
CA THR A 121 -4.49 -26.59 -0.25
C THR A 121 -4.75 -28.09 -0.08
N THR A 122 -4.97 -28.51 1.16
CA THR A 122 -5.40 -29.87 1.47
C THR A 122 -6.58 -29.80 2.41
N PRO A 123 -7.66 -30.54 2.15
CA PRO A 123 -8.82 -30.50 3.04
C PRO A 123 -8.55 -31.25 4.33
N PRO A 124 -9.35 -31.03 5.36
CA PRO A 124 -9.14 -31.74 6.63
C PRO A 124 -9.77 -33.12 6.65
N SER A 125 -9.18 -33.98 7.47
CA SER A 125 -9.81 -35.25 7.85
C SER A 125 -10.40 -35.07 9.24
N VAL A 126 -11.71 -35.29 9.36
CA VAL A 126 -12.45 -35.02 10.58
C VAL A 126 -12.76 -36.35 11.26
N TYR A 127 -12.25 -36.53 12.48
CA TYR A 127 -12.44 -37.76 13.21
C TYR A 127 -13.24 -37.51 14.48
N PRO A 128 -14.20 -38.37 14.80
CA PRO A 128 -14.94 -38.22 16.05
C PRO A 128 -14.11 -38.66 17.25
N LEU A 129 -14.34 -37.99 18.38
CA LEU A 129 -13.68 -38.32 19.63
C LEU A 129 -14.77 -38.78 20.62
N ALA A 130 -15.02 -40.07 20.63
CA ALA A 130 -15.93 -40.67 21.60
C ALA A 130 -15.14 -41.33 22.72
N PRO A 131 -15.60 -41.21 23.97
CA PRO A 131 -14.83 -41.74 25.09
C PRO A 131 -14.95 -43.26 25.20
N GLY A 132 -14.00 -43.83 25.94
CA GLY A 132 -14.07 -45.21 26.35
C GLY A 132 -14.87 -45.35 27.63
N SER A 133 -14.80 -46.56 28.19
CA SER A 133 -15.51 -46.83 29.44
C SER A 133 -14.80 -46.14 30.61
N MET A 140 -21.72 -34.97 33.42
CA MET A 140 -21.39 -34.33 32.16
C MET A 140 -20.35 -35.14 31.39
N VAL A 141 -20.66 -35.45 30.14
CA VAL A 141 -19.75 -36.16 29.25
C VAL A 141 -19.16 -35.17 28.27
N THR A 142 -17.85 -35.27 28.04
CA THR A 142 -17.16 -34.45 27.07
C THR A 142 -16.90 -35.27 25.81
N LEU A 143 -17.22 -34.69 24.66
CA LEU A 143 -16.95 -35.30 23.36
C LEU A 143 -16.11 -34.34 22.53
N GLY A 144 -15.55 -34.85 21.45
CA GLY A 144 -14.66 -34.02 20.65
C GLY A 144 -14.66 -34.39 19.18
N CYS A 145 -14.01 -33.52 18.40
CA CYS A 145 -13.75 -33.77 17.00
C CYS A 145 -12.32 -33.37 16.70
N LEU A 146 -11.62 -34.21 15.95
CA LEU A 146 -10.23 -33.97 15.57
C LEU A 146 -10.21 -33.54 14.11
N VAL A 147 -9.73 -32.32 13.86
CA VAL A 147 -9.67 -31.76 12.51
C VAL A 147 -8.20 -31.75 12.07
N LYS A 148 -7.78 -32.81 11.39
CA LYS A 148 -6.36 -33.10 11.21
C LYS A 148 -5.94 -32.90 9.75
N GLY A 149 -4.77 -32.31 9.58
CA GLY A 149 -4.08 -32.26 8.29
C GLY A 149 -4.72 -31.43 7.21
N TYR A 150 -4.97 -30.15 7.49
CA TYR A 150 -5.53 -29.23 6.50
C TYR A 150 -4.60 -28.04 6.31
N PHE A 151 -4.80 -27.35 5.18
CA PHE A 151 -4.06 -26.14 4.87
C PHE A 151 -4.81 -25.41 3.77
N PRO A 152 -4.96 -24.08 3.86
CA PRO A 152 -4.47 -23.25 4.97
C PRO A 152 -5.52 -23.05 6.06
N GLU A 153 -5.20 -22.17 7.02
CA GLU A 153 -6.22 -21.66 7.91
C GLU A 153 -7.19 -20.79 7.10
N PRO A 154 -8.44 -20.64 7.57
CA PRO A 154 -9.01 -21.22 8.79
C PRO A 154 -9.97 -22.37 8.52
N VAL A 155 -10.41 -23.02 9.59
CA VAL A 155 -11.57 -23.89 9.57
C VAL A 155 -12.60 -23.31 10.53
N THR A 156 -13.85 -23.72 10.35
CA THR A 156 -14.95 -23.31 11.22
C THR A 156 -15.54 -24.57 11.84
N VAL A 157 -15.58 -24.60 13.17
CA VAL A 157 -16.11 -25.73 13.92
C VAL A 157 -17.33 -25.27 14.70
N THR A 158 -18.46 -25.94 14.48
CA THR A 158 -19.66 -25.77 15.28
C THR A 158 -20.16 -27.14 15.71
N TRP A 159 -21.08 -27.15 16.67
CA TRP A 159 -21.62 -28.39 17.21
C TRP A 159 -23.13 -28.38 17.05
N ASN A 160 -23.67 -29.37 16.33
CA ASN A 160 -25.11 -29.49 16.03
C ASN A 160 -25.64 -28.27 15.28
N SER A 161 -24.73 -27.57 14.58
CA SER A 161 -25.06 -26.42 13.74
C SER A 161 -25.30 -25.14 14.56
N GLY A 162 -24.64 -24.99 15.70
CA GLY A 162 -24.73 -23.78 16.49
C GLY A 162 -25.59 -23.90 17.72
N SER A 163 -26.56 -24.82 17.71
CA SER A 163 -27.45 -25.07 18.84
C SER A 163 -26.69 -25.43 20.11
N LEU A 164 -25.56 -26.13 20.00
CA LEU A 164 -24.70 -26.41 21.15
C LEU A 164 -23.60 -25.36 21.14
N SER A 165 -23.79 -24.29 21.90
CA SER A 165 -22.91 -23.13 21.87
C SER A 165 -22.00 -23.03 23.09
N SER A 166 -22.54 -23.13 24.29
CA SER A 166 -21.74 -23.02 25.50
C SER A 166 -21.14 -24.37 25.86
N GLY A 167 -20.03 -24.33 26.58
CA GLY A 167 -19.29 -25.53 26.89
C GLY A 167 -18.43 -26.06 25.77
N VAL A 168 -18.09 -25.22 24.80
CA VAL A 168 -17.29 -25.60 23.64
C VAL A 168 -15.90 -25.02 23.80
N HIS A 169 -14.88 -25.84 23.55
CA HIS A 169 -13.50 -25.39 23.52
C HIS A 169 -12.89 -25.86 22.20
N THR A 170 -12.66 -24.91 21.29
CA THR A 170 -12.00 -25.18 20.02
C THR A 170 -10.57 -24.63 20.12
N PHE A 171 -9.62 -25.51 20.13
CA PHE A 171 -8.25 -25.17 20.44
C PHE A 171 -7.50 -24.69 19.20
N PRO A 172 -6.57 -23.76 19.37
CA PRO A 172 -5.81 -23.25 18.22
C PRO A 172 -5.07 -24.37 17.51
N ALA A 173 -4.97 -24.24 16.19
CA ALA A 173 -4.30 -25.25 15.38
C ALA A 173 -2.79 -25.16 15.53
N VAL A 174 -2.13 -26.31 15.44
CA VAL A 174 -0.67 -26.40 15.45
C VAL A 174 -0.22 -26.81 14.05
N LEU A 175 0.91 -26.25 13.63
CA LEU A 175 1.42 -26.48 12.28
C LEU A 175 2.47 -27.60 12.32
N GLN A 176 2.35 -28.54 11.39
CA GLN A 176 3.30 -29.63 11.28
C GLN A 176 3.28 -30.17 9.86
N SER A 177 4.45 -30.21 9.23
CA SER A 177 4.61 -30.73 7.87
C SER A 177 3.66 -30.01 6.90
N ASP A 178 3.61 -28.68 7.04
CA ASP A 178 2.78 -27.81 6.20
C ASP A 178 1.30 -28.15 6.33
N LEU A 179 0.89 -28.68 7.49
CA LEU A 179 -0.49 -29.06 7.73
C LEU A 179 -0.89 -28.62 9.13
N TYR A 180 -2.13 -28.14 9.26
CA TYR A 180 -2.67 -27.72 10.53
C TYR A 180 -3.53 -28.83 11.13
N THR A 181 -3.60 -28.84 12.46
CA THR A 181 -4.42 -29.80 13.19
C THR A 181 -4.97 -29.13 14.43
N LEU A 182 -6.28 -29.17 14.61
CA LEU A 182 -6.90 -28.68 15.84
C LEU A 182 -7.91 -29.70 16.33
N SER A 183 -8.27 -29.56 17.60
CA SER A 183 -9.31 -30.34 18.23
C SER A 183 -10.36 -29.40 18.82
N SER A 184 -11.58 -29.90 18.94
CA SER A 184 -12.68 -29.14 19.50
C SER A 184 -13.45 -30.03 20.46
N SER A 185 -13.64 -29.57 21.69
CA SER A 185 -14.38 -30.32 22.69
C SER A 185 -15.71 -29.65 22.99
N VAL A 186 -16.69 -30.46 23.34
CA VAL A 186 -18.00 -29.97 23.78
C VAL A 186 -18.44 -30.81 24.97
N THR A 187 -19.08 -30.16 25.94
CA THR A 187 -19.54 -30.82 27.16
C THR A 187 -21.05 -30.73 27.25
N VAL A 188 -21.69 -31.88 27.43
CA VAL A 188 -23.16 -31.99 27.40
C VAL A 188 -23.61 -32.82 28.60
N PRO A 189 -24.89 -32.87 28.94
CA PRO A 189 -25.34 -33.78 29.98
C PRO A 189 -25.46 -35.21 29.47
N SER A 190 -25.20 -36.15 30.39
CA SER A 190 -25.24 -37.57 30.03
C SER A 190 -26.59 -38.02 29.49
N SER A 191 -27.66 -37.29 29.82
CA SER A 191 -29.00 -37.72 29.40
C SER A 191 -29.22 -37.49 27.90
N THR A 192 -28.53 -36.50 27.33
CA THR A 192 -28.72 -36.19 25.92
C THR A 192 -27.94 -37.14 25.01
N TRP A 193 -26.69 -37.44 25.35
CA TRP A 193 -25.86 -38.28 24.51
C TRP A 193 -25.68 -39.65 25.15
N PRO A 194 -25.85 -40.75 24.39
CA PRO A 194 -26.17 -40.69 22.96
C PRO A 194 -27.66 -40.88 22.65
N SER A 195 -28.55 -40.39 23.51
CA SER A 195 -29.98 -40.48 23.20
C SER A 195 -30.34 -39.53 22.05
N GLU A 196 -29.86 -38.30 22.09
CA GLU A 196 -30.02 -37.37 20.99
C GLU A 196 -28.69 -37.18 20.27
N THR A 197 -28.75 -36.50 19.12
CA THR A 197 -27.60 -36.43 18.23
C THR A 197 -26.65 -35.32 18.62
N VAL A 198 -25.35 -35.62 18.54
CA VAL A 198 -24.28 -34.64 18.70
C VAL A 198 -23.40 -34.72 17.47
N THR A 199 -23.37 -33.65 16.69
CA THR A 199 -22.61 -33.61 15.45
C THR A 199 -21.74 -32.35 15.44
N CYS A 200 -20.47 -32.51 15.08
CA CYS A 200 -19.60 -31.38 14.83
C CYS A 200 -19.60 -31.06 13.34
N ASN A 201 -19.67 -29.79 13.01
CA ASN A 201 -19.73 -29.33 11.64
C ASN A 201 -18.44 -28.59 11.34
N VAL A 202 -17.64 -29.15 10.45
CA VAL A 202 -16.32 -28.60 10.11
C VAL A 202 -16.39 -28.06 8.68
N ALA A 203 -16.06 -26.79 8.53
CA ALA A 203 -16.00 -26.14 7.23
C ALA A 203 -14.57 -25.73 6.93
N HIS A 204 -14.15 -25.93 5.68
CA HIS A 204 -12.84 -25.49 5.20
C HIS A 204 -13.07 -24.80 3.86
N PRO A 205 -13.31 -23.49 3.87
CA PRO A 205 -13.66 -22.78 2.63
C PRO A 205 -12.57 -22.82 1.56
N ALA A 206 -11.30 -22.86 1.96
CA ALA A 206 -10.21 -22.90 0.98
C ALA A 206 -10.26 -24.16 0.13
N SER A 207 -10.85 -25.24 0.63
CA SER A 207 -11.08 -26.44 -0.16
C SER A 207 -12.56 -26.67 -0.42
N SER A 208 -13.41 -25.71 -0.05
CA SER A 208 -14.87 -25.83 -0.19
C SER A 208 -15.38 -27.10 0.47
N THR A 209 -14.75 -27.51 1.56
CA THR A 209 -15.14 -28.70 2.29
C THR A 209 -16.10 -28.35 3.42
N LYS A 210 -17.16 -29.15 3.54
CA LYS A 210 -18.10 -29.05 4.66
C LYS A 210 -18.39 -30.46 5.13
N VAL A 211 -18.06 -30.75 6.38
CA VAL A 211 -18.18 -32.10 6.93
C VAL A 211 -19.04 -32.04 8.18
N ASP A 212 -20.00 -32.97 8.28
CA ASP A 212 -20.78 -33.20 9.49
C ASP A 212 -20.46 -34.60 9.98
N LYS A 213 -19.75 -34.70 11.11
CA LYS A 213 -19.35 -35.99 11.66
C LYS A 213 -20.12 -36.22 12.96
N LYS A 214 -20.91 -37.30 12.98
CA LYS A 214 -21.72 -37.65 14.14
C LYS A 214 -20.92 -38.52 15.11
N ILE A 215 -21.06 -38.23 16.40
CA ILE A 215 -20.28 -38.89 17.44
C ILE A 215 -21.04 -40.13 17.90
N VAL A 216 -20.50 -41.31 17.60
CA VAL A 216 -21.16 -42.56 17.96
C VAL A 216 -20.39 -43.22 19.11
N PRO A 217 -21.10 -43.87 20.05
CA PRO A 217 -20.62 -43.89 21.45
C PRO A 217 -19.41 -44.75 21.75
N ARG A 218 -19.27 -45.93 21.12
CA ARG A 218 -18.62 -47.05 21.79
C ARG A 218 -17.19 -46.73 22.24
N ASP A 219 -16.29 -46.38 21.32
CA ASP A 219 -14.88 -46.20 21.67
C ASP A 219 -14.23 -45.12 20.84
N ASP B 1 7.09 8.83 9.36
CA ASP B 1 5.98 8.13 10.02
C ASP B 1 6.07 8.27 11.54
N ILE B 2 4.92 8.44 12.18
CA ILE B 2 4.87 8.50 13.64
C ILE B 2 4.94 7.08 14.19
N VAL B 3 5.88 6.84 15.10
CA VAL B 3 6.03 5.56 15.77
C VAL B 3 5.29 5.63 17.10
N MET B 4 4.45 4.63 17.35
CA MET B 4 3.69 4.52 18.59
C MET B 4 4.27 3.41 19.45
N THR B 5 4.64 3.74 20.69
CA THR B 5 5.28 2.81 21.60
C THR B 5 4.41 2.64 22.83
N GLN B 6 3.95 1.41 23.06
CA GLN B 6 3.07 1.09 24.19
C GLN B 6 3.81 0.28 25.23
N SER B 7 3.51 0.55 26.51
CA SER B 7 4.10 -0.15 27.63
C SER B 7 3.06 -0.20 28.74
N PRO B 8 2.97 -1.31 29.49
CA PRO B 8 3.82 -2.50 29.31
C PRO B 8 3.37 -3.37 28.14
N SER B 9 4.25 -4.29 27.73
CA SER B 9 3.89 -5.22 26.66
C SER B 9 2.65 -6.03 27.02
N SER B 10 2.51 -6.36 28.31
CA SER B 10 1.33 -7.01 28.84
C SER B 10 1.43 -6.98 30.36
N LEU B 11 0.31 -7.23 31.02
CA LEU B 11 0.31 -7.36 32.47
C LEU B 11 -0.90 -8.19 32.89
N THR B 12 -0.90 -8.61 34.15
CA THR B 12 -1.97 -9.40 34.71
C THR B 12 -2.50 -8.71 35.97
N VAL B 13 -3.83 -8.71 36.13
CA VAL B 13 -4.49 -8.08 37.27
C VAL B 13 -5.68 -8.95 37.66
N THR B 14 -6.08 -8.88 38.94
CA THR B 14 -7.27 -9.59 39.39
C THR B 14 -8.51 -8.70 39.26
N ALA B 15 -9.67 -9.35 39.14
CA ALA B 15 -10.92 -8.64 38.96
C ALA B 15 -11.18 -7.69 40.12
N GLY B 16 -11.67 -6.50 39.79
CA GLY B 16 -11.97 -5.46 40.75
C GLY B 16 -10.86 -4.43 40.91
N GLU B 17 -9.62 -4.81 40.61
CA GLU B 17 -8.51 -3.87 40.67
C GLU B 17 -8.53 -2.93 39.47
N LYS B 18 -7.60 -1.98 39.45
CA LYS B 18 -7.53 -0.98 38.40
C LYS B 18 -6.17 -1.02 37.73
N VAL B 19 -6.16 -0.80 36.42
CA VAL B 19 -4.96 -0.90 35.60
C VAL B 19 -4.71 0.42 34.89
N THR B 20 -3.44 0.66 34.57
CA THR B 20 -3.02 1.79 33.74
C THR B 20 -1.95 1.32 32.77
N MET B 21 -2.08 1.75 31.51
CA MET B 21 -1.10 1.46 30.48
C MET B 21 -0.74 2.75 29.76
N SER B 22 0.46 2.78 29.18
CA SER B 22 1.00 3.97 28.57
C SER B 22 1.09 3.84 27.05
N CYS B 23 1.02 4.99 26.37
CA CYS B 23 1.14 5.07 24.93
C CYS B 23 1.89 6.35 24.58
N LYS B 24 3.00 6.22 23.85
CA LYS B 24 3.85 7.36 23.52
C LYS B 24 4.06 7.42 22.02
N SER B 25 4.03 8.64 21.48
CA SER B 25 4.23 8.89 20.06
C SER B 25 5.56 9.60 19.83
N SER B 26 6.24 9.22 18.75
CA SER B 26 7.50 9.86 18.40
C SER B 26 7.33 11.31 17.96
N GLN B 27 6.10 11.73 17.70
CA GLN B 27 5.78 13.10 17.32
C GLN B 27 4.51 13.52 18.03
N SER B 28 4.35 14.81 18.25
CA SER B 28 3.19 15.31 18.97
C SER B 28 1.92 15.08 18.15
N LEU B 29 0.87 14.58 18.81
CA LEU B 29 -0.43 14.40 18.19
C LEU B 29 -1.38 15.53 18.55
N LEU B 30 -0.86 16.65 19.04
CA LEU B 30 -1.68 17.78 19.47
C LEU B 30 -1.83 18.76 18.31
N ASN B 31 -3.08 19.05 17.96
CA ASN B 31 -3.39 20.11 16.99
C ASN B 31 -3.67 21.37 17.80
N SER B 32 -2.68 22.26 17.87
CA SER B 32 -2.84 23.49 18.63
C SER B 32 -3.95 24.37 18.07
N GLY B 33 -4.37 24.13 16.82
CA GLY B 33 -5.47 24.90 16.27
C GLY B 33 -6.78 24.65 16.98
N ASN B 34 -7.17 23.39 17.11
CA ASN B 34 -8.40 23.02 17.80
C ASN B 34 -8.15 22.45 19.19
N GLN B 35 -6.90 22.34 19.62
CA GLN B 35 -6.54 21.88 20.96
C GLN B 35 -7.06 20.47 21.23
N LYS B 36 -6.93 19.60 20.23
CA LYS B 36 -7.34 18.21 20.34
C LYS B 36 -6.16 17.29 20.05
N ASN B 37 -6.04 16.22 20.82
CA ASN B 37 -4.98 15.23 20.64
C ASN B 37 -5.54 14.07 19.83
N TYR B 38 -4.92 13.80 18.67
CA TYR B 38 -5.43 12.82 17.72
C TYR B 38 -4.93 11.43 18.10
N LEU B 39 -5.42 10.95 19.24
CA LEU B 39 -5.05 9.65 19.77
C LEU B 39 -6.32 8.86 20.05
N THR B 40 -6.38 7.64 19.53
CA THR B 40 -7.55 6.78 19.70
C THR B 40 -7.15 5.42 20.24
N TRP B 41 -8.01 4.86 21.09
CA TRP B 41 -7.78 3.58 21.75
C TRP B 41 -8.73 2.53 21.21
N TYR B 42 -8.23 1.33 21.01
CA TYR B 42 -9.04 0.19 20.59
C TYR B 42 -8.90 -0.95 21.58
N GLN B 43 -9.94 -1.77 21.66
CA GLN B 43 -9.97 -2.97 22.48
C GLN B 43 -10.25 -4.16 21.58
N GLN B 44 -9.31 -5.11 21.54
CA GLN B 44 -9.46 -6.31 20.70
C GLN B 44 -9.56 -7.53 21.60
N LYS B 45 -10.78 -8.05 21.73
CA LYS B 45 -11.01 -9.29 22.46
C LYS B 45 -10.35 -10.46 21.74
N PRO B 46 -10.10 -11.56 22.45
CA PRO B 46 -9.57 -12.76 21.76
C PRO B 46 -10.52 -13.24 20.67
N GLY B 47 -9.97 -13.40 19.47
CA GLY B 47 -10.75 -13.91 18.36
C GLY B 47 -11.78 -12.95 17.80
N GLN B 48 -11.69 -11.67 18.15
CA GLN B 48 -12.62 -10.65 17.68
C GLN B 48 -11.88 -9.54 16.96
N PRO B 49 -12.57 -8.80 16.10
CA PRO B 49 -11.98 -7.58 15.52
C PRO B 49 -11.81 -6.51 16.59
N PRO B 50 -10.99 -5.49 16.32
CA PRO B 50 -10.84 -4.41 17.31
C PRO B 50 -12.14 -3.64 17.51
N LYS B 51 -12.27 -3.05 18.69
CA LYS B 51 -13.44 -2.26 19.06
C LYS B 51 -13.00 -0.87 19.46
N LEU B 52 -13.65 0.15 18.90
CA LEU B 52 -13.32 1.53 19.25
C LEU B 52 -13.66 1.79 20.71
N LEU B 53 -12.69 2.32 21.45
CA LEU B 53 -12.86 2.64 22.86
C LEU B 53 -12.95 4.14 23.10
N ILE B 54 -11.89 4.88 22.74
CA ILE B 54 -11.80 6.31 23.02
C ILE B 54 -11.17 6.99 21.81
N SER B 55 -11.68 8.17 21.48
CA SER B 55 -11.14 8.98 20.39
C SER B 55 -10.80 10.36 20.91
N TRP B 56 -9.91 11.04 20.19
CA TRP B 56 -9.39 12.35 20.59
C TRP B 56 -8.87 12.31 22.03
N ALA B 57 -8.14 11.24 22.34
CA ALA B 57 -7.41 11.05 23.60
C ALA B 57 -8.32 10.73 24.77
N SER B 58 -9.50 11.35 24.86
CA SER B 58 -10.30 11.22 26.07
C SER B 58 -11.80 11.01 25.84
N THR B 59 -12.28 11.00 24.61
CA THR B 59 -13.72 10.96 24.35
C THR B 59 -14.15 9.50 24.16
N ARG B 60 -14.93 8.99 25.11
CA ARG B 60 -15.45 7.63 25.01
C ARG B 60 -16.48 7.54 23.89
N ASP B 61 -16.37 6.49 23.08
CA ASP B 61 -17.42 6.20 22.11
C ASP B 61 -18.70 5.80 22.82
N SER B 62 -19.84 6.08 22.18
CA SER B 62 -21.12 5.77 22.78
C SER B 62 -21.24 4.28 23.09
N GLY B 63 -21.62 3.96 24.31
CA GLY B 63 -21.71 2.60 24.79
C GLY B 63 -20.55 2.17 25.66
N VAL B 64 -19.41 2.83 25.57
CA VAL B 64 -18.24 2.48 26.37
C VAL B 64 -18.43 3.04 27.77
N PRO B 65 -18.29 2.23 28.82
CA PRO B 65 -18.60 2.69 30.17
C PRO B 65 -17.55 3.67 30.70
N ASP B 66 -17.89 4.28 31.84
CA ASP B 66 -17.03 5.30 32.43
C ASP B 66 -15.71 4.74 32.97
N ARG B 67 -15.66 3.45 33.29
CA ARG B 67 -14.45 2.90 33.89
C ARG B 67 -13.29 2.83 32.91
N PHE B 68 -13.51 3.13 31.64
CA PHE B 68 -12.46 3.32 30.66
C PHE B 68 -12.19 4.80 30.51
N THR B 69 -11.02 5.25 30.92
CA THR B 69 -10.65 6.66 30.89
C THR B 69 -9.37 6.85 30.09
N GLY B 70 -9.42 7.74 29.10
CA GLY B 70 -8.24 8.11 28.33
C GLY B 70 -7.82 9.52 28.69
N SER B 71 -6.52 9.78 28.63
CA SER B 71 -5.98 11.06 29.05
C SER B 71 -4.58 11.23 28.45
N GLY B 72 -3.96 12.37 28.75
CA GLY B 72 -2.68 12.71 28.19
C GLY B 72 -2.79 13.78 27.12
N SER B 73 -1.64 14.20 26.63
CA SER B 73 -1.56 15.20 25.57
C SER B 73 -0.16 15.21 25.00
N GLY B 74 -0.02 15.78 23.81
CA GLY B 74 1.26 15.87 23.14
C GLY B 74 1.78 14.54 22.65
N THR B 75 2.72 13.95 23.39
CA THR B 75 3.30 12.67 23.04
C THR B 75 3.07 11.58 24.07
N ASP B 76 2.62 11.93 25.28
CA ASP B 76 2.43 10.97 26.36
C ASP B 76 0.94 10.78 26.60
N PHE B 77 0.47 9.54 26.48
CA PHE B 77 -0.94 9.22 26.65
C PHE B 77 -1.08 7.97 27.50
N THR B 78 -2.24 7.84 28.15
CA THR B 78 -2.47 6.75 29.08
C THR B 78 -3.95 6.35 29.04
N LEU B 79 -4.18 5.04 29.10
CA LEU B 79 -5.52 4.48 29.26
C LEU B 79 -5.62 3.84 30.63
N THR B 80 -6.73 4.10 31.33
CA THR B 80 -6.93 3.60 32.68
C THR B 80 -8.26 2.88 32.75
N ILE B 81 -8.25 1.67 33.31
CA ILE B 81 -9.45 0.85 33.46
C ILE B 81 -9.63 0.56 34.94
N SER B 82 -10.75 1.00 35.49
CA SER B 82 -11.10 0.74 36.88
C SER B 82 -12.17 -0.34 36.96
N SER B 83 -12.20 -1.04 38.10
CA SER B 83 -13.11 -2.17 38.32
C SER B 83 -13.02 -3.16 37.15
N VAL B 84 -11.80 -3.64 36.93
CA VAL B 84 -11.54 -4.55 35.82
C VAL B 84 -12.41 -5.79 35.94
N GLN B 85 -13.11 -6.12 34.86
CA GLN B 85 -13.98 -7.29 34.80
C GLN B 85 -13.29 -8.42 34.04
N ALA B 86 -13.91 -9.60 34.11
CA ALA B 86 -13.38 -10.74 33.35
C ALA B 86 -13.41 -10.47 31.86
N GLU B 87 -14.48 -9.81 31.38
CA GLU B 87 -14.63 -9.55 29.95
C GLU B 87 -13.63 -8.52 29.43
N ASP B 88 -12.90 -7.82 30.30
CA ASP B 88 -11.93 -6.84 29.85
C ASP B 88 -10.67 -7.46 29.25
N LEU B 89 -10.53 -8.79 29.35
CA LEU B 89 -9.42 -9.49 28.72
C LEU B 89 -9.35 -9.18 27.24
N ALA B 90 -8.27 -8.52 26.82
CA ALA B 90 -8.13 -8.06 25.46
C ALA B 90 -6.72 -7.49 25.27
N VAL B 91 -6.38 -7.23 24.02
CA VAL B 91 -5.19 -6.45 23.66
C VAL B 91 -5.64 -5.02 23.38
N TYR B 92 -4.99 -4.06 24.02
CA TYR B 92 -5.39 -2.66 23.93
C TYR B 92 -4.39 -1.89 23.08
N TYR B 93 -4.86 -1.37 21.96
CA TYR B 93 -4.03 -0.64 21.01
C TYR B 93 -4.34 0.85 21.07
N CYS B 94 -3.29 1.66 20.95
CA CYS B 94 -3.45 3.08 20.65
C CYS B 94 -2.99 3.32 19.22
N GLN B 95 -3.55 4.35 18.59
CA GLN B 95 -3.30 4.60 17.18
C GLN B 95 -3.10 6.08 16.94
N ASN B 96 -2.10 6.39 16.12
CA ASN B 96 -1.90 7.73 15.60
C ASN B 96 -3.02 8.05 14.61
N ASP B 97 -3.91 8.95 14.99
CA ASP B 97 -4.97 9.43 14.10
C ASP B 97 -4.70 10.85 13.61
N TYR B 98 -3.46 11.31 13.73
CA TYR B 98 -3.12 12.69 13.41
C TYR B 98 -2.80 12.88 11.93
N SER B 99 -1.97 12.00 11.37
CA SER B 99 -1.56 12.15 9.97
C SER B 99 -1.22 10.79 9.39
N TYR B 100 -1.34 10.70 8.07
CA TYR B 100 -1.08 9.46 7.36
C TYR B 100 0.42 9.26 7.15
N PRO B 101 0.90 8.01 7.19
CA PRO B 101 0.11 6.80 7.42
C PRO B 101 -0.35 6.64 8.87
N LEU B 102 -1.58 6.18 9.06
CA LEU B 102 -2.07 5.89 10.39
C LEU B 102 -1.31 4.70 10.95
N THR B 103 -0.78 4.84 12.17
CA THR B 103 0.09 3.84 12.76
C THR B 103 -0.42 3.45 14.14
N PHE B 104 -0.27 2.18 14.48
CA PHE B 104 -0.72 1.61 15.74
C PHE B 104 0.48 1.31 16.64
N GLY B 105 0.24 1.29 17.94
CA GLY B 105 1.21 0.72 18.85
C GLY B 105 1.22 -0.79 18.75
N ALA B 106 2.20 -1.40 19.43
CA ALA B 106 2.28 -2.85 19.46
C ALA B 106 1.24 -3.49 20.38
N GLY B 107 0.62 -2.71 21.25
CA GLY B 107 -0.49 -3.18 22.06
C GLY B 107 -0.06 -3.52 23.48
N THR B 108 -1.05 -3.50 24.38
CA THR B 108 -0.88 -3.93 25.76
C THR B 108 -1.92 -5.00 26.04
N LYS B 109 -1.46 -6.21 26.31
CA LYS B 109 -2.35 -7.35 26.53
C LYS B 109 -2.73 -7.43 28.00
N LEU B 110 -4.03 -7.30 28.28
CA LEU B 110 -4.55 -7.35 29.63
C LEU B 110 -5.00 -8.77 29.93
N GLU B 111 -4.37 -9.41 30.92
CA GLU B 111 -4.73 -10.74 31.37
C GLU B 111 -5.20 -10.67 32.82
N LEU B 112 -5.82 -11.76 33.28
CA LEU B 112 -6.52 -11.75 34.56
C LEU B 112 -5.94 -12.77 35.53
N LYS B 113 -5.77 -12.34 36.78
CA LYS B 113 -5.45 -13.24 37.88
C LYS B 113 -6.74 -13.82 38.45
N ARG B 114 -6.72 -15.12 38.70
CA ARG B 114 -7.93 -15.85 39.08
C ARG B 114 -7.62 -16.77 40.24
N ALA B 115 -8.67 -17.29 40.86
CA ALA B 115 -8.52 -18.35 41.84
C ALA B 115 -8.06 -19.63 41.15
N ASP B 116 -7.20 -20.39 41.82
CA ASP B 116 -6.72 -21.64 41.26
C ASP B 116 -7.87 -22.61 41.01
N ALA B 117 -7.81 -23.32 39.88
CA ALA B 117 -8.85 -24.24 39.50
C ALA B 117 -8.23 -25.50 38.89
N ALA B 118 -8.75 -26.65 39.28
CA ALA B 118 -8.26 -27.92 38.75
C ALA B 118 -8.88 -28.18 37.38
N PRO B 119 -8.13 -28.83 36.47
CA PRO B 119 -8.66 -29.12 35.15
C PRO B 119 -9.61 -30.31 35.17
N THR B 120 -10.65 -30.22 34.32
CA THR B 120 -11.50 -31.37 34.03
C THR B 120 -10.91 -32.10 32.84
N VAL B 121 -10.46 -33.33 33.06
CA VAL B 121 -9.64 -34.04 32.09
C VAL B 121 -10.44 -35.17 31.46
N SER B 122 -10.31 -35.32 30.15
CA SER B 122 -10.96 -36.37 29.39
C SER B 122 -9.97 -36.93 28.37
N ILE B 123 -9.96 -38.26 28.22
CA ILE B 123 -9.08 -38.93 27.28
C ILE B 123 -9.94 -39.66 26.25
N PHE B 124 -9.44 -39.73 25.02
CA PHE B 124 -10.19 -40.29 23.91
C PHE B 124 -9.32 -41.23 23.07
N PRO B 125 -9.78 -42.44 22.81
CA PRO B 125 -9.02 -43.35 21.95
C PRO B 125 -9.08 -42.89 20.49
N PRO B 126 -8.18 -43.38 19.65
CA PRO B 126 -8.30 -43.09 18.21
C PRO B 126 -9.61 -43.62 17.65
N SER B 127 -10.10 -42.94 16.62
CA SER B 127 -11.31 -43.38 15.95
C SER B 127 -11.01 -44.50 14.97
N SER B 128 -12.02 -45.32 14.68
CA SER B 128 -11.83 -46.40 13.72
C SER B 128 -11.53 -45.87 12.33
N GLU B 129 -12.07 -44.69 11.99
CA GLU B 129 -11.78 -44.09 10.69
C GLU B 129 -10.28 -43.82 10.53
N GLN B 130 -9.67 -43.17 11.52
CA GLN B 130 -8.24 -42.87 11.42
C GLN B 130 -7.40 -44.13 11.49
N LEU B 131 -7.80 -45.10 12.33
CA LEU B 131 -7.07 -46.36 12.43
C LEU B 131 -7.01 -47.06 11.07
N THR B 132 -8.11 -47.03 10.33
CA THR B 132 -8.17 -47.69 9.03
C THR B 132 -7.23 -47.04 8.01
N SER B 133 -6.89 -45.77 8.20
CA SER B 133 -6.01 -45.06 7.27
C SER B 133 -4.57 -44.98 7.77
N GLY B 134 -4.24 -45.68 8.85
CA GLY B 134 -2.87 -45.82 9.30
C GLY B 134 -2.46 -44.96 10.48
N GLY B 135 -3.31 -44.02 10.89
CA GLY B 135 -2.94 -43.12 11.97
C GLY B 135 -3.62 -43.42 13.29
N ALA B 136 -3.03 -42.95 14.38
CA ALA B 136 -3.59 -43.19 15.72
C ALA B 136 -3.26 -42.00 16.60
N SER B 137 -4.20 -41.06 16.71
CA SER B 137 -4.07 -39.90 17.57
C SER B 137 -4.90 -40.12 18.83
N VAL B 138 -4.25 -40.02 19.99
CA VAL B 138 -4.92 -40.09 21.28
C VAL B 138 -5.03 -38.67 21.82
N VAL B 139 -6.25 -38.23 22.09
CA VAL B 139 -6.53 -36.85 22.46
C VAL B 139 -6.88 -36.78 23.94
N CYS B 140 -6.30 -35.80 24.63
CA CYS B 140 -6.53 -35.56 26.05
C CYS B 140 -6.86 -34.09 26.25
N PHE B 141 -8.04 -33.82 26.79
CA PHE B 141 -8.48 -32.46 27.05
C PHE B 141 -8.28 -32.10 28.52
N LEU B 142 -7.75 -30.91 28.77
CA LEU B 142 -7.61 -30.35 30.11
C LEU B 142 -8.35 -29.01 30.10
N ASN B 143 -9.58 -29.00 30.61
CA ASN B 143 -10.48 -27.87 30.39
C ASN B 143 -10.70 -27.07 31.67
N ASN B 144 -10.66 -25.75 31.53
CA ASN B 144 -11.06 -24.80 32.57
C ASN B 144 -10.21 -24.97 33.84
N PHE B 145 -8.94 -24.60 33.70
CA PHE B 145 -8.00 -24.65 34.82
C PHE B 145 -7.29 -23.30 34.93
N TYR B 146 -6.65 -23.10 36.08
CA TYR B 146 -5.88 -21.90 36.35
C TYR B 146 -4.90 -22.22 37.47
N PRO B 147 -3.63 -21.76 37.38
CA PRO B 147 -3.08 -20.91 36.32
C PRO B 147 -2.77 -21.64 35.02
N LYS B 148 -2.36 -20.86 34.02
CA LYS B 148 -2.04 -21.41 32.70
C LYS B 148 -0.94 -22.46 32.78
N ASP B 149 0.05 -22.25 33.63
CA ASP B 149 1.17 -23.18 33.80
C ASP B 149 0.67 -24.55 34.23
N ILE B 150 0.80 -25.55 33.36
CA ILE B 150 0.34 -26.90 33.66
C ILE B 150 1.19 -27.89 32.87
N ASN B 151 1.31 -29.11 33.39
CA ASN B 151 2.11 -30.16 32.77
C ASN B 151 1.23 -31.36 32.45
N VAL B 152 1.44 -31.92 31.26
CA VAL B 152 0.79 -33.14 30.81
C VAL B 152 1.85 -34.22 30.66
N LYS B 153 1.54 -35.41 31.14
CA LYS B 153 2.42 -36.56 30.96
C LYS B 153 1.62 -37.71 30.38
N TRP B 154 2.11 -38.28 29.30
CA TRP B 154 1.51 -39.45 28.68
C TRP B 154 2.21 -40.71 29.16
N LYS B 155 1.44 -41.77 29.38
CA LYS B 155 1.98 -43.06 29.77
C LYS B 155 1.40 -44.15 28.87
N ILE B 156 2.27 -44.98 28.31
CA ILE B 156 1.88 -46.12 27.50
C ILE B 156 2.29 -47.38 28.25
N ASP B 157 1.30 -48.18 28.66
CA ASP B 157 1.53 -49.37 29.47
C ASP B 157 2.39 -49.04 30.70
N GLY B 158 2.13 -47.88 31.31
CA GLY B 158 2.84 -47.45 32.48
C GLY B 158 4.18 -46.79 32.23
N SER B 159 4.60 -46.63 30.98
CA SER B 159 5.87 -46.02 30.64
C SER B 159 5.62 -44.66 30.00
N GLU B 160 6.36 -43.65 30.48
CA GLU B 160 6.14 -42.28 29.99
C GLU B 160 6.47 -42.17 28.51
N ARG B 161 5.56 -41.55 27.77
CA ARG B 161 5.72 -41.31 26.35
C ARG B 161 5.85 -39.81 26.10
N GLN B 162 6.92 -39.40 25.43
CA GLN B 162 7.12 -38.01 25.06
C GLN B 162 7.20 -37.79 23.55
N ASN B 163 7.42 -38.84 22.77
CA ASN B 163 7.52 -38.72 21.32
C ASN B 163 6.13 -38.61 20.71
N GLY B 164 5.90 -37.55 19.95
CA GLY B 164 4.68 -37.41 19.18
C GLY B 164 3.54 -36.69 19.85
N VAL B 165 3.79 -35.95 20.93
CA VAL B 165 2.76 -35.21 21.64
C VAL B 165 2.82 -33.75 21.22
N LEU B 166 1.66 -33.20 20.88
CA LEU B 166 1.53 -31.78 20.54
C LEU B 166 0.49 -31.16 21.46
N ASN B 167 0.84 -30.00 22.03
CA ASN B 167 -0.03 -29.30 22.97
C ASN B 167 -0.48 -27.98 22.39
N SER B 168 -1.68 -27.56 22.77
CA SER B 168 -2.26 -26.31 22.29
C SER B 168 -3.11 -25.71 23.39
N TRP B 169 -2.76 -24.51 23.84
CA TRP B 169 -3.50 -23.78 24.85
C TRP B 169 -4.47 -22.81 24.21
N THR B 170 -5.68 -22.74 24.74
CA THR B 170 -6.61 -21.70 24.32
C THR B 170 -6.18 -20.35 24.91
N ASP B 171 -6.84 -19.30 24.45
CA ASP B 171 -6.75 -18.02 25.13
C ASP B 171 -7.51 -18.12 26.46
N GLN B 172 -7.27 -17.13 27.32
CA GLN B 172 -8.02 -17.07 28.57
C GLN B 172 -9.50 -16.89 28.25
N ASP B 173 -10.35 -17.46 29.11
CA ASP B 173 -11.78 -17.39 28.91
C ASP B 173 -12.30 -16.04 29.36
N SER B 174 -13.18 -15.44 28.54
CA SER B 174 -13.68 -14.10 28.81
C SER B 174 -14.71 -14.06 29.94
N LYS B 175 -15.20 -15.22 30.39
CA LYS B 175 -16.21 -15.25 31.45
C LYS B 175 -15.66 -15.67 32.79
N ASP B 176 -14.97 -16.82 32.85
CA ASP B 176 -14.44 -17.32 34.11
C ASP B 176 -12.92 -17.21 34.22
N SER B 177 -12.25 -16.67 33.19
CA SER B 177 -10.82 -16.39 33.24
C SER B 177 -9.98 -17.65 33.44
N THR B 178 -10.47 -18.80 32.99
CA THR B 178 -9.71 -20.03 33.04
C THR B 178 -9.06 -20.31 31.68
N TYR B 179 -8.18 -21.30 31.67
CA TYR B 179 -7.53 -21.76 30.46
C TYR B 179 -7.92 -23.20 30.19
N SER B 180 -7.82 -23.59 28.92
CA SER B 180 -7.99 -24.98 28.51
C SER B 180 -6.86 -25.34 27.56
N MET B 181 -6.55 -26.64 27.49
CA MET B 181 -5.51 -27.11 26.59
C MET B 181 -5.85 -28.51 26.12
N SER B 182 -5.44 -28.80 24.89
CA SER B 182 -5.58 -30.12 24.30
C SER B 182 -4.20 -30.73 24.08
N SER B 183 -4.06 -31.99 24.47
CA SER B 183 -2.83 -32.73 24.27
C SER B 183 -3.12 -33.92 23.36
N THR B 184 -2.38 -34.03 22.26
CA THR B 184 -2.62 -35.06 21.26
C THR B 184 -1.35 -35.89 21.08
N LEU B 185 -1.44 -37.17 21.45
CA LEU B 185 -0.37 -38.13 21.21
C LEU B 185 -0.70 -38.88 19.92
N THR B 186 0.03 -38.59 18.85
CA THR B 186 -0.20 -39.23 17.56
C THR B 186 0.83 -40.33 17.35
N LEU B 187 0.33 -41.54 17.12
CA LEU B 187 1.16 -42.70 16.79
C LEU B 187 0.72 -43.25 15.43
N THR B 188 1.57 -44.08 14.85
CA THR B 188 1.12 -44.92 13.77
C THR B 188 0.11 -45.92 14.31
N LYS B 189 -0.76 -46.41 13.41
CA LYS B 189 -1.68 -47.48 13.80
C LYS B 189 -0.90 -48.70 14.30
N ASP B 190 0.27 -48.95 13.71
CA ASP B 190 1.06 -50.12 14.07
C ASP B 190 1.54 -50.05 15.52
N GLU B 191 2.22 -48.97 15.89
CA GLU B 191 2.72 -48.86 17.26
C GLU B 191 1.57 -48.79 18.27
N TYR B 192 0.45 -48.17 17.87
CA TYR B 192 -0.69 -48.06 18.78
C TYR B 192 -1.24 -49.43 19.16
N GLU B 193 -1.29 -50.36 18.19
CA GLU B 193 -1.82 -51.69 18.47
C GLU B 193 -0.86 -52.54 19.31
N ARG B 194 0.40 -52.14 19.41
CA ARG B 194 1.40 -52.90 20.17
C ARG B 194 1.32 -52.66 21.68
N HIS B 195 0.33 -51.92 22.15
CA HIS B 195 0.20 -51.63 23.57
C HIS B 195 -1.28 -51.58 23.94
N ASN B 196 -1.55 -51.52 25.23
CA ASN B 196 -2.92 -51.61 25.73
C ASN B 196 -3.36 -50.35 26.48
N SER B 197 -2.72 -50.02 27.60
CA SER B 197 -3.19 -48.95 28.47
C SER B 197 -2.57 -47.62 28.06
N TYR B 198 -3.42 -46.61 27.88
CA TYR B 198 -2.99 -45.27 27.52
C TYR B 198 -3.48 -44.29 28.58
N THR B 199 -2.58 -43.45 29.07
CA THR B 199 -2.86 -42.58 30.20
C THR B 199 -2.28 -41.19 29.96
N CYS B 200 -3.10 -40.17 30.19
CA CYS B 200 -2.63 -38.80 30.30
C CYS B 200 -2.93 -38.31 31.71
N GLU B 201 -1.92 -37.74 32.37
CA GLU B 201 -2.09 -37.22 33.72
C GLU B 201 -1.59 -35.78 33.79
N ALA B 202 -2.33 -34.96 34.51
CA ALA B 202 -2.06 -33.53 34.61
C ALA B 202 -1.62 -33.19 36.03
N THR B 203 -0.58 -32.37 36.14
CA THR B 203 -0.08 -31.90 37.43
C THR B 203 0.02 -30.39 37.38
N HIS B 204 -0.32 -29.74 38.50
CA HIS B 204 -0.15 -28.30 38.60
C HIS B 204 0.63 -27.97 39.88
N THR B 208 -1.32 -30.91 45.82
CA THR B 208 -2.15 -31.42 44.72
C THR B 208 -1.45 -32.57 44.00
N SER B 209 -2.15 -33.70 43.90
CA SER B 209 -1.63 -34.89 43.26
C SER B 209 -2.13 -34.99 41.83
N PRO B 210 -1.42 -35.72 40.96
CA PRO B 210 -1.80 -35.77 39.54
C PRO B 210 -3.22 -36.27 39.35
N ILE B 211 -3.92 -35.67 38.39
CA ILE B 211 -5.25 -36.11 37.99
C ILE B 211 -5.08 -37.03 36.79
N VAL B 212 -5.61 -38.24 36.89
CA VAL B 212 -5.23 -39.34 36.00
C VAL B 212 -6.47 -39.84 35.27
N LYS B 213 -6.40 -39.89 33.93
CA LYS B 213 -7.43 -40.47 33.10
C LYS B 213 -6.78 -41.50 32.18
N SER B 214 -7.48 -42.60 31.92
CA SER B 214 -6.89 -43.70 31.19
C SER B 214 -7.97 -44.47 30.43
N PHE B 215 -7.50 -45.29 29.49
CA PHE B 215 -8.35 -46.28 28.83
C PHE B 215 -7.46 -47.43 28.37
N ASN B 216 -8.09 -48.57 28.10
CA ASN B 216 -7.40 -49.73 27.56
C ASN B 216 -7.81 -49.94 26.11
N ARG B 217 -7.09 -50.86 25.45
CA ARG B 217 -7.19 -51.19 24.01
C ARG B 217 -6.33 -50.25 23.18
N ASP C 1 16.02 19.53 -28.55
CA ASP C 1 17.38 19.47 -29.08
C ASP C 1 18.30 18.82 -28.05
N VAL C 2 18.07 19.11 -26.78
CA VAL C 2 18.81 18.43 -25.71
C VAL C 2 18.36 16.97 -25.66
N GLN C 3 19.33 16.04 -25.69
CA GLN C 3 19.04 14.62 -25.64
C GLN C 3 20.09 13.91 -24.82
N LEU C 4 19.63 12.98 -23.96
CA LEU C 4 20.51 12.11 -23.18
C LEU C 4 20.11 10.67 -23.49
N VAL C 5 21.05 9.90 -24.03
CA VAL C 5 20.81 8.51 -24.41
C VAL C 5 21.68 7.63 -23.53
N GLU C 6 21.03 6.85 -22.67
CA GLU C 6 21.74 5.94 -21.77
C GLU C 6 21.89 4.56 -22.40
N SER C 7 22.92 3.84 -21.95
CA SER C 7 23.15 2.48 -22.40
C SER C 7 23.99 1.77 -21.34
N GLY C 8 24.07 0.45 -21.46
CA GLY C 8 24.83 -0.36 -20.55
C GLY C 8 24.02 -1.16 -19.55
N GLY C 9 22.69 -1.08 -19.61
CA GLY C 9 21.85 -1.83 -18.70
C GLY C 9 21.70 -3.28 -19.09
N GLY C 10 21.00 -4.03 -18.25
CA GLY C 10 20.73 -5.43 -18.48
C GLY C 10 20.80 -6.20 -17.18
N LEU C 11 21.07 -7.50 -17.31
CA LEU C 11 21.12 -8.41 -16.18
C LEU C 11 22.53 -8.47 -15.61
N VAL C 12 22.65 -8.30 -14.30
CA VAL C 12 23.93 -8.44 -13.60
C VAL C 12 23.69 -9.32 -12.38
N GLN C 13 24.72 -10.07 -11.98
CA GLN C 13 24.58 -10.93 -10.82
C GLN C 13 24.94 -10.17 -9.54
N PRO C 14 24.42 -10.61 -8.39
CA PRO C 14 24.85 -10.03 -7.12
C PRO C 14 26.37 -10.12 -6.97
N GLY C 15 26.96 -9.01 -6.50
CA GLY C 15 28.39 -8.89 -6.43
C GLY C 15 29.07 -8.49 -7.72
N GLY C 16 28.35 -8.49 -8.84
CA GLY C 16 28.93 -8.15 -10.12
C GLY C 16 29.10 -6.65 -10.31
N SER C 17 29.69 -6.31 -11.45
CA SER C 17 29.95 -4.93 -11.81
C SER C 17 29.37 -4.64 -13.19
N ARG C 18 29.16 -3.36 -13.47
CA ARG C 18 28.60 -2.92 -14.74
C ARG C 18 28.80 -1.42 -14.88
N LYS C 19 29.12 -0.98 -16.09
CA LYS C 19 29.38 0.43 -16.39
C LYS C 19 28.26 0.97 -17.27
N LEU C 20 27.54 1.96 -16.77
CA LEU C 20 26.54 2.66 -17.55
C LEU C 20 27.16 3.87 -18.23
N SER C 21 26.60 4.24 -19.38
CA SER C 21 27.08 5.39 -20.13
C SER C 21 25.89 6.22 -20.61
N CYS C 22 26.13 7.52 -20.79
CA CYS C 22 25.09 8.47 -21.15
C CYS C 22 25.67 9.39 -22.23
N ALA C 23 25.09 9.34 -23.42
CA ALA C 23 25.56 10.12 -24.56
C ALA C 23 24.73 11.39 -24.67
N ALA C 24 25.39 12.55 -24.56
CA ALA C 24 24.70 13.83 -24.53
C ALA C 24 24.93 14.58 -25.83
N SER C 25 23.89 15.28 -26.28
CA SER C 25 23.97 16.13 -27.46
C SER C 25 22.93 17.24 -27.32
N GLY C 26 23.09 18.28 -28.13
CA GLY C 26 22.18 19.41 -28.09
C GLY C 26 22.52 20.49 -27.08
N PHE C 27 23.70 20.44 -26.48
CA PHE C 27 24.17 21.46 -25.54
C PHE C 27 25.65 21.25 -25.33
N THR C 28 26.28 22.22 -24.67
CA THR C 28 27.72 22.16 -24.40
C THR C 28 27.91 21.30 -23.16
N PHE C 29 28.19 20.02 -23.39
CA PHE C 29 28.31 19.05 -22.31
C PHE C 29 29.35 19.46 -21.29
N SER C 30 30.49 20.01 -21.75
CA SER C 30 31.58 20.35 -20.85
C SER C 30 31.26 21.52 -19.92
N SER C 31 30.09 22.14 -20.06
CA SER C 31 29.72 23.28 -19.22
C SER C 31 28.70 22.92 -18.15
N PHE C 32 28.18 21.70 -18.15
CA PHE C 32 27.08 21.32 -17.27
C PHE C 32 27.50 20.21 -16.32
N GLY C 33 27.16 20.36 -15.05
CA GLY C 33 27.19 19.22 -14.16
C GLY C 33 26.14 18.20 -14.53
N MET C 34 26.39 16.95 -14.17
CA MET C 34 25.52 15.85 -14.57
C MET C 34 25.22 14.97 -13.37
N HIS C 35 24.07 14.30 -13.43
CA HIS C 35 23.59 13.46 -12.34
C HIS C 35 23.25 12.07 -12.86
N TRP C 36 23.19 11.12 -11.92
CA TRP C 36 22.53 9.85 -12.12
C TRP C 36 21.39 9.73 -11.11
N VAL C 37 20.23 9.29 -11.58
CA VAL C 37 19.04 9.12 -10.75
C VAL C 37 18.40 7.79 -11.13
N ARG C 38 18.02 7.01 -10.12
CA ARG C 38 17.46 5.69 -10.36
C ARG C 38 16.05 5.59 -9.80
N GLN C 39 15.27 4.68 -10.38
CA GLN C 39 13.87 4.48 -10.00
C GLN C 39 13.60 2.98 -9.95
N ALA C 40 13.47 2.45 -8.74
CA ALA C 40 13.20 1.03 -8.55
C ALA C 40 11.84 0.67 -9.14
N PRO C 41 11.62 -0.60 -9.48
CA PRO C 41 10.32 -1.02 -10.01
C PRO C 41 9.18 -0.66 -9.06
N GLU C 42 8.11 -0.12 -9.64
CA GLU C 42 6.91 0.34 -8.92
C GLU C 42 7.24 1.27 -7.75
N LYS C 43 8.39 1.92 -7.77
CA LYS C 43 8.82 2.80 -6.69
C LYS C 43 9.12 4.20 -7.24
N GLY C 44 9.66 5.06 -6.38
CA GLY C 44 9.93 6.43 -6.71
C GLY C 44 11.35 6.68 -7.17
N LEU C 45 11.75 7.94 -7.11
CA LEU C 45 13.04 8.39 -7.64
C LEU C 45 14.05 8.55 -6.50
N GLU C 46 15.30 8.17 -6.78
CA GLU C 46 16.38 8.28 -5.80
C GLU C 46 17.62 8.83 -6.48
N TRP C 47 18.09 9.99 -6.00
CA TRP C 47 19.31 10.57 -6.53
C TRP C 47 20.51 9.73 -6.16
N VAL C 48 21.41 9.53 -7.11
CA VAL C 48 22.54 8.61 -6.96
C VAL C 48 23.87 9.37 -6.85
N ALA C 49 24.25 10.11 -7.89
CA ALA C 49 25.55 10.74 -7.92
C ALA C 49 25.50 12.04 -8.72
N TYR C 50 26.49 12.89 -8.49
CA TYR C 50 26.64 14.15 -9.21
C TYR C 50 28.12 14.40 -9.47
N ILE C 51 28.42 14.94 -10.65
CA ILE C 51 29.78 15.32 -11.02
C ILE C 51 29.73 16.67 -11.72
N SER C 52 30.63 17.57 -11.33
CA SER C 52 30.63 18.90 -11.92
C SER C 52 31.21 18.86 -13.33
N SER C 53 31.14 20.01 -14.01
CA SER C 53 31.53 20.07 -15.41
C SER C 53 32.99 19.69 -15.61
N GLY C 54 33.87 20.14 -14.72
CA GLY C 54 35.28 19.82 -14.83
C GLY C 54 35.70 18.69 -13.91
N SER C 55 34.72 17.90 -13.45
CA SER C 55 34.94 16.78 -12.53
C SER C 55 35.57 17.21 -11.22
N SER C 56 35.47 18.51 -10.89
CA SER C 56 36.15 19.01 -9.70
C SER C 56 35.46 18.54 -8.42
N THR C 57 34.14 18.61 -8.38
CA THR C 57 33.37 18.21 -7.20
C THR C 57 32.46 17.04 -7.57
N ILE C 58 32.42 16.04 -6.68
CA ILE C 58 31.64 14.83 -6.89
C ILE C 58 30.89 14.51 -5.61
N TYR C 59 29.58 14.27 -5.73
CA TYR C 59 28.73 13.90 -4.62
C TYR C 59 28.13 12.52 -4.86
N TYR C 60 28.03 11.72 -3.80
CA TYR C 60 27.43 10.40 -3.87
C TYR C 60 26.35 10.26 -2.81
N ALA C 61 25.33 9.46 -3.12
CA ALA C 61 24.38 9.04 -2.11
C ALA C 61 25.00 7.96 -1.22
N ASP C 62 24.57 7.94 0.04
CA ASP C 62 25.20 7.04 1.00
C ASP C 62 24.93 5.57 0.67
N THR C 63 23.76 5.26 0.11
CA THR C 63 23.47 3.90 -0.33
C THR C 63 24.38 3.45 -1.45
N VAL C 64 25.23 4.34 -1.96
CA VAL C 64 26.02 4.08 -3.16
C VAL C 64 27.50 4.39 -2.99
N LYS C 65 27.89 5.25 -2.04
CA LYS C 65 29.29 5.61 -1.86
C LYS C 65 30.16 4.39 -1.60
N GLY C 66 31.37 4.42 -2.16
CA GLY C 66 32.32 3.35 -2.03
C GLY C 66 32.11 2.20 -2.99
N ARG C 67 30.93 2.11 -3.62
CA ARG C 67 30.66 1.07 -4.61
C ARG C 67 30.51 1.61 -6.02
N PHE C 68 29.99 2.81 -6.19
CA PHE C 68 29.79 3.40 -7.50
C PHE C 68 30.83 4.49 -7.73
N THR C 69 31.13 4.74 -9.01
CA THR C 69 32.04 5.81 -9.41
C THR C 69 31.44 6.52 -10.61
N ILE C 70 31.23 7.83 -10.48
CA ILE C 70 30.74 8.66 -11.58
C ILE C 70 31.94 9.34 -12.23
N SER C 71 31.92 9.42 -13.56
CA SER C 71 33.01 10.03 -14.31
C SER C 71 32.44 10.52 -15.63
N ARG C 72 33.27 11.23 -16.39
CA ARG C 72 32.82 11.79 -17.65
C ARG C 72 34.00 11.93 -18.60
N ASP C 73 33.68 11.91 -19.89
CA ASP C 73 34.63 12.12 -20.98
C ASP C 73 34.06 13.27 -21.81
N ASN C 74 34.54 14.50 -21.54
CA ASN C 74 33.97 15.67 -22.20
C ASN C 74 34.17 15.67 -23.71
N PRO C 75 35.36 15.40 -24.26
CA PRO C 75 35.49 15.37 -25.73
C PRO C 75 34.53 14.39 -26.41
N LYS C 76 34.13 13.32 -25.73
CA LYS C 76 33.21 12.35 -26.28
C LYS C 76 31.77 12.57 -25.85
N ASN C 77 31.49 13.63 -25.08
CA ASN C 77 30.13 13.99 -24.68
C ASN C 77 29.43 12.85 -23.94
N THR C 78 30.15 12.19 -23.05
CA THR C 78 29.68 10.96 -22.43
C THR C 78 29.80 11.01 -20.91
N LEU C 79 28.70 10.72 -20.24
CA LEU C 79 28.66 10.50 -18.80
C LEU C 79 28.77 9.00 -18.52
N PHE C 80 29.43 8.65 -17.42
CA PHE C 80 29.59 7.26 -17.03
C PHE C 80 29.11 7.06 -15.60
N LEU C 81 28.80 5.80 -15.28
CA LEU C 81 28.55 5.37 -13.92
C LEU C 81 29.06 3.94 -13.78
N GLN C 82 30.10 3.76 -12.95
CA GLN C 82 30.72 2.46 -12.74
C GLN C 82 30.17 1.87 -11.45
N MET C 83 29.41 0.79 -11.56
CA MET C 83 28.79 0.13 -10.42
C MET C 83 29.59 -1.13 -10.07
N THR C 84 29.90 -1.31 -8.79
CA THR C 84 30.56 -2.50 -8.29
C THR C 84 29.83 -2.98 -7.04
N SER C 85 29.98 -4.27 -6.75
CA SER C 85 29.33 -4.91 -5.60
C SER C 85 27.82 -4.67 -5.63
N LEU C 86 27.21 -5.00 -6.77
CA LEU C 86 25.79 -4.75 -6.96
C LEU C 86 24.95 -5.67 -6.09
N ARG C 87 23.83 -5.14 -5.61
CA ARG C 87 22.90 -5.88 -4.76
C ARG C 87 21.51 -5.82 -5.39
N SER C 88 20.60 -6.66 -4.87
CA SER C 88 19.24 -6.68 -5.38
C SER C 88 18.54 -5.35 -5.18
N GLU C 89 19.01 -4.52 -4.26
CA GLU C 89 18.45 -3.20 -4.04
C GLU C 89 18.90 -2.19 -5.10
N ASP C 90 19.97 -2.50 -5.84
CA ASP C 90 20.40 -1.67 -6.94
C ASP C 90 19.57 -1.87 -8.20
N THR C 91 18.64 -2.82 -8.19
CA THR C 91 17.74 -3.01 -9.31
C THR C 91 16.85 -1.79 -9.49
N ALA C 92 16.98 -1.12 -10.63
CA ALA C 92 16.23 0.09 -10.90
C ALA C 92 16.44 0.50 -12.35
N MET C 93 15.57 1.40 -12.81
CA MET C 93 15.81 2.13 -14.05
C MET C 93 16.72 3.31 -13.74
N TYR C 94 17.85 3.40 -14.45
CA TYR C 94 18.86 4.41 -14.19
C TYR C 94 18.78 5.52 -15.23
N TYR C 95 18.71 6.76 -14.76
CA TYR C 95 18.63 7.94 -15.60
C TYR C 95 19.86 8.82 -15.39
N CYS C 96 20.35 9.41 -16.48
CA CYS C 96 21.27 10.53 -16.38
C CYS C 96 20.47 11.83 -16.54
N ALA C 97 20.94 12.89 -15.90
CA ALA C 97 20.18 14.12 -15.85
C ALA C 97 21.11 15.32 -15.95
N ARG C 98 20.64 16.35 -16.67
CA ARG C 98 21.33 17.62 -16.77
C ARG C 98 20.48 18.70 -16.12
N GLY C 99 21.16 19.70 -15.55
CA GLY C 99 20.49 20.79 -14.87
C GLY C 99 20.09 21.91 -15.81
N LYS C 100 19.34 22.85 -15.24
CA LYS C 100 18.95 24.07 -15.93
C LYS C 100 18.56 25.07 -14.85
N TYR C 101 19.35 26.14 -14.73
CA TYR C 101 19.15 27.08 -13.64
C TYR C 101 17.70 27.56 -13.63
N PRO C 102 17.03 27.58 -12.47
CA PRO C 102 17.67 27.38 -11.16
C PRO C 102 17.64 25.98 -10.53
N THR C 103 17.58 24.89 -11.31
CA THR C 103 17.50 23.56 -10.71
C THR C 103 18.66 22.67 -11.12
N TRP C 104 19.02 21.76 -10.21
CA TRP C 104 20.07 20.78 -10.46
C TRP C 104 19.65 19.76 -11.52
N ILE C 105 18.36 19.44 -11.59
CA ILE C 105 17.87 18.35 -12.42
C ILE C 105 16.70 18.86 -13.24
N ALA C 106 16.83 18.83 -14.57
CA ALA C 106 15.80 19.35 -15.46
C ALA C 106 15.55 18.43 -16.64
N TYR C 107 16.61 17.94 -17.27
CA TYR C 107 16.50 17.10 -18.46
C TYR C 107 16.90 15.67 -18.12
N TRP C 108 16.07 14.71 -18.54
CA TRP C 108 16.26 13.31 -18.22
C TRP C 108 16.52 12.52 -19.48
N GLY C 109 17.36 11.50 -19.36
CA GLY C 109 17.51 10.53 -20.43
C GLY C 109 16.34 9.56 -20.46
N GLN C 110 16.38 8.64 -21.41
CA GLN C 110 15.31 7.65 -21.52
C GLN C 110 15.44 6.53 -20.49
N GLY C 111 16.64 6.33 -19.94
CA GLY C 111 16.84 5.34 -18.90
C GLY C 111 17.23 3.96 -19.40
N THR C 112 18.12 3.29 -18.68
CA THR C 112 18.45 1.90 -18.93
C THR C 112 18.11 1.09 -17.68
N LEU C 113 17.48 -0.06 -17.89
CA LEU C 113 17.04 -0.92 -16.79
C LEU C 113 18.19 -1.82 -16.37
N VAL C 114 18.55 -1.77 -15.10
CA VAL C 114 19.59 -2.62 -14.53
C VAL C 114 18.91 -3.59 -13.57
N THR C 115 19.04 -4.88 -13.84
CA THR C 115 18.46 -5.93 -13.01
C THR C 115 19.58 -6.71 -12.36
N VAL C 116 19.58 -6.74 -11.03
CA VAL C 116 20.58 -7.45 -10.25
C VAL C 116 19.91 -8.70 -9.69
N SER C 117 20.22 -9.86 -10.27
CA SER C 117 19.55 -11.09 -9.89
C SER C 117 20.42 -12.28 -10.24
N ALA C 118 20.19 -13.39 -9.54
CA ALA C 118 20.86 -14.65 -9.84
C ALA C 118 20.12 -15.46 -10.90
N ALA C 119 18.87 -15.11 -11.20
CA ALA C 119 18.12 -15.80 -12.24
C ALA C 119 18.81 -15.64 -13.58
N LYS C 120 18.72 -16.67 -14.41
CA LYS C 120 19.41 -16.71 -15.68
C LYS C 120 18.59 -16.06 -16.79
N THR C 121 19.28 -15.50 -17.77
CA THR C 121 18.63 -14.96 -18.95
C THR C 121 17.95 -16.06 -19.72
N THR C 122 16.67 -15.86 -20.07
CA THR C 122 15.93 -16.81 -20.88
C THR C 122 15.05 -16.05 -21.86
N PRO C 123 14.98 -16.50 -23.11
CA PRO C 123 14.15 -15.84 -24.10
C PRO C 123 12.68 -16.23 -23.91
N PRO C 124 11.76 -15.44 -24.42
CA PRO C 124 10.34 -15.76 -24.26
C PRO C 124 9.85 -16.78 -25.27
N SER C 125 8.78 -17.46 -24.88
CA SER C 125 7.95 -18.17 -25.85
C SER C 125 6.94 -17.18 -26.43
N VAL C 126 6.75 -17.24 -27.74
CA VAL C 126 5.84 -16.34 -28.44
C VAL C 126 4.73 -17.17 -29.07
N TYR C 127 3.50 -16.95 -28.62
CA TYR C 127 2.35 -17.71 -29.09
C TYR C 127 1.32 -16.81 -29.74
N PRO C 128 0.75 -17.23 -30.87
CA PRO C 128 -0.32 -16.43 -31.49
C PRO C 128 -1.67 -16.70 -30.83
N LEU C 129 -2.44 -15.63 -30.65
CA LEU C 129 -3.77 -15.72 -30.06
C LEU C 129 -4.79 -15.41 -31.15
N ALA C 130 -5.43 -16.46 -31.67
CA ALA C 130 -6.47 -16.34 -32.68
C ALA C 130 -7.77 -16.93 -32.16
N PRO C 131 -8.93 -16.40 -32.57
CA PRO C 131 -10.20 -16.95 -32.11
C PRO C 131 -10.66 -18.14 -32.94
N MET C 140 -15.00 -5.04 -36.13
CA MET C 140 -13.81 -5.17 -35.30
C MET C 140 -13.60 -6.59 -34.81
N VAL C 141 -12.38 -7.09 -34.95
CA VAL C 141 -11.96 -8.34 -34.33
C VAL C 141 -10.65 -8.08 -33.59
N THR C 142 -10.46 -8.78 -32.49
CA THR C 142 -9.30 -8.57 -31.63
C THR C 142 -8.40 -9.80 -31.67
N LEU C 143 -7.13 -9.59 -31.95
CA LEU C 143 -6.11 -10.64 -31.94
C LEU C 143 -5.12 -10.37 -30.82
N GLY C 144 -4.33 -11.40 -30.49
CA GLY C 144 -3.44 -11.31 -29.34
C GLY C 144 -2.11 -11.98 -29.60
N CYS C 145 -1.19 -11.75 -28.67
CA CYS C 145 0.16 -12.30 -28.72
C CYS C 145 0.58 -12.60 -27.29
N LEU C 146 0.93 -13.86 -27.01
CA LEU C 146 1.32 -14.28 -25.67
C LEU C 146 2.83 -14.44 -25.61
N VAL C 147 3.47 -13.62 -24.78
CA VAL C 147 4.92 -13.57 -24.65
C VAL C 147 5.25 -14.11 -23.26
N LYS C 148 5.66 -15.37 -23.19
CA LYS C 148 5.69 -16.13 -21.94
C LYS C 148 7.10 -16.55 -21.57
N GLY C 149 7.42 -16.43 -20.29
CA GLY C 149 8.63 -17.00 -19.72
C GLY C 149 9.94 -16.40 -20.19
N TYR C 150 10.11 -15.09 -20.03
CA TYR C 150 11.35 -14.42 -20.38
C TYR C 150 11.95 -13.74 -19.15
N PHE C 151 13.27 -13.51 -19.21
CA PHE C 151 13.98 -12.84 -18.15
C PHE C 151 15.29 -12.32 -18.71
N PRO C 152 15.68 -11.07 -18.43
CA PRO C 152 14.90 -10.12 -17.62
C PRO C 152 14.04 -9.22 -18.49
N GLU C 153 13.37 -8.25 -17.85
CA GLU C 153 12.77 -7.16 -18.60
C GLU C 153 13.86 -6.37 -19.31
N PRO C 154 13.53 -5.67 -20.41
CA PRO C 154 12.22 -5.58 -21.05
C PRO C 154 12.10 -6.41 -22.33
N VAL C 155 10.89 -6.46 -22.87
CA VAL C 155 10.64 -6.95 -24.21
C VAL C 155 9.94 -5.84 -24.99
N THR C 156 10.14 -5.83 -26.30
CA THR C 156 9.54 -4.85 -27.19
C THR C 156 8.51 -5.55 -28.06
N VAL C 157 7.24 -5.18 -27.91
CA VAL C 157 6.14 -5.75 -28.67
C VAL C 157 5.59 -4.68 -29.60
N THR C 158 5.54 -4.99 -30.90
CA THR C 158 4.89 -4.15 -31.89
C THR C 158 4.03 -5.04 -32.78
N TRP C 159 3.07 -4.43 -33.44
CA TRP C 159 2.16 -5.13 -34.35
C TRP C 159 2.38 -4.59 -35.77
N ASN C 160 2.76 -5.48 -36.69
CA ASN C 160 3.08 -5.11 -38.06
C ASN C 160 4.15 -4.02 -38.09
N SER C 161 5.20 -4.23 -37.31
CA SER C 161 6.36 -3.33 -37.25
C SER C 161 5.98 -1.94 -36.76
N GLY C 162 4.94 -1.84 -35.94
CA GLY C 162 4.52 -0.57 -35.37
C GLY C 162 3.48 0.17 -36.17
N SER C 163 3.16 -0.28 -37.39
CA SER C 163 2.14 0.39 -38.19
C SER C 163 0.79 0.36 -37.48
N LEU C 164 0.33 -0.83 -37.09
CA LEU C 164 -0.85 -0.93 -36.25
C LEU C 164 -0.52 -0.42 -34.85
N SER C 165 -0.72 0.87 -34.63
CA SER C 165 -0.39 1.51 -33.35
C SER C 165 -1.63 1.71 -32.49
N SER C 166 -2.64 2.41 -33.01
CA SER C 166 -3.88 2.58 -32.28
C SER C 166 -4.64 1.26 -32.19
N GLY C 167 -5.37 1.09 -31.10
CA GLY C 167 -6.06 -0.16 -30.86
C GLY C 167 -5.17 -1.28 -30.37
N VAL C 168 -4.00 -0.94 -29.82
CA VAL C 168 -3.07 -1.92 -29.27
C VAL C 168 -3.05 -1.77 -27.75
N HIS C 169 -3.13 -2.91 -27.06
CA HIS C 169 -3.00 -2.96 -25.61
C HIS C 169 -1.92 -3.98 -25.27
N THR C 170 -0.74 -3.50 -24.87
CA THR C 170 0.35 -4.35 -24.41
C THR C 170 0.39 -4.26 -22.89
N PHE C 171 -0.02 -5.33 -22.23
CA PHE C 171 -0.23 -5.32 -20.80
C PHE C 171 1.09 -5.46 -20.04
N PRO C 172 1.18 -4.86 -18.84
CA PRO C 172 2.41 -5.00 -18.05
C PRO C 172 2.71 -6.45 -17.74
N ALA C 173 4.01 -6.78 -17.73
CA ALA C 173 4.41 -8.15 -17.46
C ALA C 173 4.18 -8.51 -16.00
N VAL C 174 3.93 -9.80 -15.76
CA VAL C 174 3.77 -10.33 -14.42
C VAL C 174 4.93 -11.29 -14.15
N LEU C 175 5.39 -11.31 -12.90
CA LEU C 175 6.57 -12.06 -12.51
C LEU C 175 6.16 -13.28 -11.70
N GLN C 176 6.71 -14.45 -12.05
CA GLN C 176 6.38 -15.69 -11.35
C GLN C 176 7.60 -16.60 -11.37
N SER C 177 8.15 -16.87 -10.19
CA SER C 177 9.31 -17.76 -10.02
C SER C 177 10.42 -17.41 -10.99
N ASP C 178 10.83 -16.14 -10.99
CA ASP C 178 11.98 -15.64 -11.74
C ASP C 178 11.76 -15.66 -13.25
N LEU C 179 10.51 -15.49 -13.69
CA LEU C 179 10.20 -15.44 -15.12
C LEU C 179 9.05 -14.48 -15.35
N TYR C 180 9.18 -13.68 -16.40
CA TYR C 180 8.15 -12.70 -16.78
C TYR C 180 7.25 -13.26 -17.86
N THR C 181 6.03 -12.72 -17.92
CA THR C 181 5.04 -13.10 -18.93
C THR C 181 4.13 -11.90 -19.17
N LEU C 182 3.91 -11.57 -20.44
CA LEU C 182 2.95 -10.53 -20.79
C LEU C 182 2.11 -10.99 -21.96
N SER C 183 1.09 -10.18 -22.26
CA SER C 183 0.21 -10.40 -23.40
C SER C 183 -0.02 -9.07 -24.08
N SER C 184 -0.40 -9.13 -25.35
CA SER C 184 -0.63 -7.92 -26.13
C SER C 184 -1.78 -8.17 -27.10
N SER C 185 -2.77 -7.28 -27.08
CA SER C 185 -3.93 -7.37 -27.95
C SER C 185 -3.92 -6.24 -28.98
N VAL C 186 -4.52 -6.51 -30.13
CA VAL C 186 -4.66 -5.52 -31.18
C VAL C 186 -6.05 -5.67 -31.79
N THR C 187 -6.69 -4.55 -32.12
CA THR C 187 -8.04 -4.54 -32.67
C THR C 187 -7.98 -4.01 -34.11
N VAL C 188 -8.43 -4.84 -35.05
CA VAL C 188 -8.46 -4.44 -36.46
C VAL C 188 -9.87 -4.75 -37.00
N PRO C 189 -10.28 -4.06 -38.05
CA PRO C 189 -11.60 -4.36 -38.64
C PRO C 189 -11.64 -5.76 -39.22
N SER C 190 -12.84 -6.35 -39.20
CA SER C 190 -13.04 -7.66 -39.82
C SER C 190 -12.74 -7.64 -41.31
N SER C 191 -12.74 -6.45 -41.93
CA SER C 191 -12.36 -6.35 -43.34
C SER C 191 -10.86 -6.59 -43.52
N THR C 192 -10.04 -6.08 -42.61
CA THR C 192 -8.59 -6.20 -42.76
C THR C 192 -8.09 -7.61 -42.48
N TRP C 193 -8.66 -8.28 -41.48
CA TRP C 193 -8.18 -9.59 -41.10
C TRP C 193 -9.31 -10.62 -41.18
N PRO C 194 -9.03 -11.86 -41.65
CA PRO C 194 -7.72 -12.43 -42.00
C PRO C 194 -7.35 -12.35 -43.48
N SER C 195 -7.97 -11.44 -44.24
CA SER C 195 -7.54 -11.25 -45.62
C SER C 195 -6.14 -10.64 -45.72
N GLU C 196 -5.70 -9.93 -44.69
CA GLU C 196 -4.36 -9.36 -44.64
C GLU C 196 -3.61 -9.94 -43.46
N THR C 197 -2.28 -9.81 -43.51
CA THR C 197 -1.42 -10.38 -42.49
C THR C 197 -1.35 -9.47 -41.28
N VAL C 198 -1.41 -10.07 -40.10
CA VAL C 198 -1.22 -9.38 -38.82
C VAL C 198 -0.18 -10.16 -38.04
N THR C 199 0.91 -9.48 -37.66
CA THR C 199 2.05 -10.12 -37.02
C THR C 199 2.48 -9.31 -35.81
N CYS C 200 2.68 -9.99 -34.69
CA CYS C 200 3.27 -9.36 -33.52
C CYS C 200 4.77 -9.58 -33.53
N ASN C 201 5.51 -8.50 -33.32
CA ASN C 201 6.97 -8.54 -33.28
C ASN C 201 7.42 -8.45 -31.83
N VAL C 202 8.17 -9.46 -31.39
CA VAL C 202 8.61 -9.55 -30.00
C VAL C 202 10.13 -9.56 -29.99
N ALA C 203 10.72 -8.54 -29.39
CA ALA C 203 12.17 -8.41 -29.29
C ALA C 203 12.58 -8.47 -27.83
N HIS C 204 13.51 -9.37 -27.51
CA HIS C 204 14.10 -9.49 -26.18
C HIS C 204 15.60 -9.27 -26.33
N PRO C 205 16.08 -8.03 -26.20
CA PRO C 205 17.51 -7.76 -26.46
C PRO C 205 18.47 -8.53 -25.58
N ALA C 206 18.08 -8.81 -24.32
CA ALA C 206 18.99 -9.51 -23.42
C ALA C 206 19.35 -10.90 -23.94
N SER C 207 18.43 -11.56 -24.63
CA SER C 207 18.68 -12.87 -25.22
C SER C 207 18.92 -12.79 -26.71
N SER C 208 18.98 -11.59 -27.28
CA SER C 208 19.26 -11.38 -28.71
C SER C 208 18.26 -12.14 -29.58
N THR C 209 16.99 -12.10 -29.19
CA THR C 209 15.93 -12.78 -29.92
C THR C 209 14.96 -11.76 -30.51
N LYS C 210 14.52 -12.03 -31.74
CA LYS C 210 13.56 -11.19 -32.46
C LYS C 210 12.64 -12.12 -33.22
N VAL C 211 11.39 -12.23 -32.79
CA VAL C 211 10.44 -13.21 -33.33
C VAL C 211 9.28 -12.48 -33.97
N ASP C 212 8.84 -12.98 -35.12
CA ASP C 212 7.65 -12.49 -35.83
C ASP C 212 6.64 -13.63 -35.91
N LYS C 213 5.51 -13.47 -35.24
CA LYS C 213 4.46 -14.48 -35.20
C LYS C 213 3.25 -13.94 -35.95
N LYS C 214 2.95 -14.54 -37.11
CA LYS C 214 1.76 -14.18 -37.86
C LYS C 214 0.53 -14.85 -37.23
N ILE C 215 -0.52 -14.06 -37.04
CA ILE C 215 -1.77 -14.56 -36.49
C ILE C 215 -2.55 -15.21 -37.63
N VAL C 216 -2.61 -16.53 -37.66
CA VAL C 216 -3.32 -17.25 -38.71
C VAL C 216 -4.71 -17.58 -38.22
N PRO C 217 -5.73 -17.56 -39.09
CA PRO C 217 -7.12 -17.55 -38.61
C PRO C 217 -7.56 -18.81 -37.89
N ARG C 218 -7.03 -19.98 -38.28
CA ARG C 218 -7.45 -21.25 -37.71
C ARG C 218 -7.31 -21.29 -36.18
N ASP D 1 19.10 13.80 6.11
CA ASP D 1 18.58 14.16 4.80
C ASP D 1 17.19 14.78 4.93
N ILE D 2 16.81 15.60 3.96
CA ILE D 2 15.49 16.20 3.94
C ILE D 2 14.50 15.16 3.40
N VAL D 3 13.44 14.90 4.17
CA VAL D 3 12.42 13.93 3.80
C VAL D 3 11.27 14.67 3.14
N MET D 4 10.87 14.20 1.95
CA MET D 4 9.79 14.80 1.20
C MET D 4 8.56 13.90 1.30
N THR D 5 7.45 14.45 1.78
CA THR D 5 6.21 13.72 1.94
C THR D 5 5.15 14.34 1.04
N GLN D 6 4.57 13.52 0.17
CA GLN D 6 3.51 13.97 -0.72
C GLN D 6 2.18 13.33 -0.31
N SER D 7 1.11 14.11 -0.46
CA SER D 7 -0.23 13.65 -0.16
C SER D 7 -1.19 14.30 -1.16
N PRO D 8 -2.22 13.57 -1.61
CA PRO D 8 -2.43 12.16 -1.26
C PRO D 8 -1.62 11.23 -2.14
N SER D 9 -1.88 9.92 -2.03
CA SER D 9 -1.19 8.97 -2.89
C SER D 9 -1.75 8.99 -4.30
N SER D 10 -3.07 9.01 -4.44
CA SER D 10 -3.71 9.06 -5.74
C SER D 10 -4.89 10.03 -5.70
N LEU D 11 -5.11 10.72 -6.81
CA LEU D 11 -6.23 11.62 -6.98
C LEU D 11 -7.03 11.22 -8.19
N THR D 12 -8.35 11.44 -8.13
CA THR D 12 -9.24 11.18 -9.25
C THR D 12 -10.18 12.36 -9.41
N VAL D 13 -10.26 12.90 -10.62
CA VAL D 13 -11.12 14.04 -10.92
C VAL D 13 -11.57 13.94 -12.37
N THR D 14 -12.74 14.48 -12.65
CA THR D 14 -13.24 14.50 -14.02
C THR D 14 -12.49 15.56 -14.82
N ALA D 15 -12.45 15.36 -16.13
CA ALA D 15 -11.74 16.28 -17.01
C ALA D 15 -12.38 17.67 -16.96
N GLY D 16 -11.52 18.70 -16.85
CA GLY D 16 -11.97 20.07 -16.80
C GLY D 16 -11.99 20.68 -15.42
N GLU D 17 -11.85 19.89 -14.37
CA GLU D 17 -11.89 20.41 -13.01
C GLU D 17 -10.48 20.71 -12.50
N LYS D 18 -10.44 21.40 -11.37
CA LYS D 18 -9.19 21.71 -10.69
C LYS D 18 -8.85 20.62 -9.70
N VAL D 19 -7.55 20.41 -9.46
CA VAL D 19 -7.07 19.48 -8.46
C VAL D 19 -5.83 20.06 -7.82
N THR D 20 -5.65 19.77 -6.53
CA THR D 20 -4.52 20.27 -5.75
C THR D 20 -3.89 19.10 -5.00
N MET D 21 -2.57 18.99 -5.08
CA MET D 21 -1.82 18.00 -4.34
C MET D 21 -0.79 18.72 -3.47
N SER D 22 -0.38 18.05 -2.39
CA SER D 22 0.47 18.65 -1.39
C SER D 22 1.85 18.00 -1.36
N CYS D 23 2.84 18.76 -0.91
CA CYS D 23 4.20 18.27 -0.73
C CYS D 23 4.80 19.00 0.46
N LYS D 24 5.24 18.24 1.46
CA LYS D 24 5.76 18.83 2.70
C LYS D 24 7.15 18.26 2.97
N SER D 25 8.08 19.15 3.31
CA SER D 25 9.46 18.77 3.55
C SER D 25 9.77 18.78 5.04
N SER D 26 10.68 17.89 5.44
CA SER D 26 11.09 17.81 6.84
C SER D 26 11.94 19.00 7.28
N GLN D 27 12.49 19.75 6.32
CA GLN D 27 13.22 20.97 6.62
C GLN D 27 12.76 22.05 5.67
N SER D 28 12.96 23.30 6.09
CA SER D 28 12.62 24.44 5.24
C SER D 28 13.50 24.43 3.99
N LEU D 29 12.87 24.60 2.84
CA LEU D 29 13.58 24.76 1.58
C LEU D 29 13.71 26.23 1.18
N LEU D 30 13.44 27.14 2.12
CA LEU D 30 13.50 28.58 1.85
C LEU D 30 14.89 29.11 2.20
N ASN D 31 15.57 29.67 1.19
CA ASN D 31 16.79 30.46 1.40
C ASN D 31 16.36 31.88 1.72
N SER D 32 16.59 32.32 2.96
CA SER D 32 16.18 33.65 3.38
C SER D 32 16.97 34.74 2.67
N GLY D 33 18.12 34.41 2.09
CA GLY D 33 18.91 35.38 1.36
C GLY D 33 18.23 35.89 0.10
N ASN D 34 18.04 35.02 -0.88
CA ASN D 34 17.37 35.40 -2.12
C ASN D 34 15.86 35.21 -2.06
N GLN D 35 15.33 34.69 -0.95
CA GLN D 35 13.89 34.52 -0.75
C GLN D 35 13.29 33.55 -1.76
N LYS D 36 14.01 32.46 -2.04
CA LYS D 36 13.55 31.44 -2.98
C LYS D 36 13.37 30.11 -2.26
N ASN D 37 12.32 29.38 -2.66
CA ASN D 37 12.05 28.05 -2.15
C ASN D 37 12.57 27.03 -3.15
N TYR D 38 13.50 26.17 -2.71
CA TYR D 38 14.19 25.25 -3.60
C TYR D 38 13.40 23.95 -3.72
N LEU D 39 12.23 24.05 -4.36
CA LEU D 39 11.38 22.89 -4.61
C LEU D 39 10.98 22.85 -6.08
N THR D 40 11.09 21.68 -6.68
CA THR D 40 10.82 21.47 -8.09
C THR D 40 9.81 20.35 -8.27
N TRP D 41 8.91 20.52 -9.24
CA TRP D 41 7.88 19.54 -9.54
C TRP D 41 8.18 18.86 -10.87
N TYR D 42 7.98 17.54 -10.91
CA TYR D 42 8.13 16.76 -12.13
C TYR D 42 6.84 16.04 -12.46
N GLN D 43 6.70 15.68 -13.73
CA GLN D 43 5.57 14.90 -14.22
C GLN D 43 6.12 13.67 -14.93
N GLN D 44 5.70 12.48 -14.48
CA GLN D 44 6.14 11.23 -15.09
C GLN D 44 4.92 10.48 -15.61
N LYS D 45 4.76 10.47 -16.94
CA LYS D 45 3.71 9.70 -17.58
C LYS D 45 4.13 8.24 -17.67
N PRO D 46 3.16 7.31 -17.83
CA PRO D 46 3.49 5.88 -17.83
C PRO D 46 4.58 5.48 -18.82
N GLY D 47 5.63 4.84 -18.31
CA GLY D 47 6.69 4.34 -19.16
C GLY D 47 7.58 5.38 -19.78
N GLN D 48 7.69 6.56 -19.18
CA GLN D 48 8.48 7.66 -19.69
C GLN D 48 9.31 8.26 -18.57
N PRO D 49 10.37 8.98 -18.90
CA PRO D 49 11.16 9.65 -17.86
C PRO D 49 10.39 10.83 -17.28
N PRO D 50 10.79 11.32 -16.11
CA PRO D 50 10.16 12.53 -15.56
C PRO D 50 10.38 13.74 -16.48
N LYS D 51 9.48 14.71 -16.36
CA LYS D 51 9.54 15.92 -17.15
C LYS D 51 9.42 17.12 -16.22
N LEU D 52 10.34 18.07 -16.36
CA LEU D 52 10.33 19.26 -15.51
C LEU D 52 9.07 20.07 -15.74
N LEU D 53 8.38 20.39 -14.65
CA LEU D 53 7.23 21.29 -14.69
C LEU D 53 7.56 22.66 -14.11
N ILE D 54 7.97 22.70 -12.85
CA ILE D 54 8.14 23.95 -12.11
C ILE D 54 9.41 23.83 -11.27
N SER D 55 10.14 24.94 -11.15
CA SER D 55 11.29 25.03 -10.27
C SER D 55 11.18 26.29 -9.43
N TRP D 56 11.96 26.34 -8.35
CA TRP D 56 11.88 27.41 -7.36
C TRP D 56 10.43 27.61 -6.90
N ALA D 57 9.73 26.49 -6.73
CA ALA D 57 8.38 26.40 -6.18
C ALA D 57 7.29 26.89 -7.13
N SER D 58 7.54 27.94 -7.91
CA SER D 58 6.48 28.55 -8.71
C SER D 58 6.87 28.89 -10.15
N THR D 59 8.14 28.78 -10.53
CA THR D 59 8.56 29.15 -11.88
C THR D 59 8.39 27.95 -12.81
N ARG D 60 7.44 28.05 -13.74
CA ARG D 60 7.24 26.98 -14.71
C ARG D 60 8.37 26.96 -15.72
N ASP D 61 8.72 25.76 -16.16
CA ASP D 61 9.66 25.61 -17.25
C ASP D 61 9.00 26.04 -18.56
N SER D 62 9.84 26.42 -19.52
CA SER D 62 9.36 26.81 -20.84
C SER D 62 8.57 25.67 -21.47
N GLY D 63 7.36 25.99 -21.94
CA GLY D 63 6.49 25.01 -22.56
C GLY D 63 5.46 24.38 -21.65
N VAL D 64 5.50 24.67 -20.36
CA VAL D 64 4.54 24.12 -19.40
C VAL D 64 3.34 25.09 -19.35
N PRO D 65 2.15 24.65 -19.74
CA PRO D 65 1.01 25.57 -19.80
C PRO D 65 0.63 26.12 -18.45
N ASP D 66 -0.16 27.20 -18.48
CA ASP D 66 -0.51 27.95 -17.28
C ASP D 66 -1.44 27.21 -16.34
N ARG D 67 -1.97 26.05 -16.74
CA ARG D 67 -2.86 25.32 -15.83
C ARG D 67 -2.09 24.65 -14.70
N PHE D 68 -0.79 24.48 -14.84
CA PHE D 68 0.06 24.00 -13.76
C PHE D 68 0.63 25.20 -13.00
N THR D 69 0.27 25.34 -11.73
CA THR D 69 0.87 26.35 -10.87
C THR D 69 1.33 25.70 -9.56
N GLY D 70 2.53 26.04 -9.13
CA GLY D 70 3.05 25.65 -7.84
C GLY D 70 3.07 26.85 -6.91
N SER D 71 2.93 26.59 -5.61
CA SER D 71 2.93 27.64 -4.62
C SER D 71 3.41 27.06 -3.30
N GLY D 72 3.43 27.91 -2.28
CA GLY D 72 3.89 27.53 -0.96
C GLY D 72 5.26 28.12 -0.64
N SER D 73 5.69 27.89 0.59
CA SER D 73 6.97 28.39 1.05
C SER D 73 7.40 27.61 2.29
N GLY D 74 8.70 27.62 2.54
CA GLY D 74 9.26 26.95 3.70
C GLY D 74 9.17 25.44 3.62
N THR D 75 8.15 24.88 4.27
CA THR D 75 7.95 23.43 4.29
C THR D 75 6.61 22.99 3.68
N ASP D 76 5.72 23.92 3.36
CA ASP D 76 4.41 23.61 2.79
C ASP D 76 4.39 24.03 1.33
N PHE D 77 4.14 23.07 0.45
CA PHE D 77 4.08 23.35 -0.98
C PHE D 77 2.93 22.58 -1.60
N THR D 78 2.33 23.18 -2.63
CA THR D 78 1.21 22.57 -3.34
C THR D 78 1.44 22.70 -4.85
N LEU D 79 0.98 21.69 -5.57
CA LEU D 79 0.87 21.73 -7.02
C LEU D 79 -0.61 21.75 -7.39
N THR D 80 -0.99 22.66 -8.28
CA THR D 80 -2.38 22.81 -8.69
C THR D 80 -2.47 22.67 -10.21
N ILE D 81 -3.42 21.85 -10.66
CA ILE D 81 -3.70 21.66 -12.08
C ILE D 81 -5.14 22.08 -12.32
N SER D 82 -5.33 23.23 -12.95
CA SER D 82 -6.66 23.70 -13.32
C SER D 82 -7.07 23.12 -14.66
N SER D 83 -8.35 22.78 -14.80
CA SER D 83 -8.90 22.20 -16.01
C SER D 83 -8.08 20.99 -16.46
N VAL D 84 -8.20 19.92 -15.66
CA VAL D 84 -7.46 18.70 -15.90
C VAL D 84 -7.90 18.07 -17.20
N GLN D 85 -6.94 17.51 -17.95
CA GLN D 85 -7.19 16.85 -19.21
C GLN D 85 -6.69 15.41 -19.16
N ALA D 86 -7.07 14.63 -20.17
CA ALA D 86 -6.63 13.24 -20.29
C ALA D 86 -5.16 13.11 -20.64
N GLU D 87 -4.49 14.22 -21.00
CA GLU D 87 -3.05 14.18 -21.16
C GLU D 87 -2.30 14.26 -19.83
N ASP D 88 -2.97 14.69 -18.77
CA ASP D 88 -2.34 14.95 -17.48
C ASP D 88 -2.21 13.72 -16.62
N LEU D 89 -2.67 12.56 -17.09
CA LEU D 89 -2.49 11.32 -16.35
C LEU D 89 -1.01 11.01 -16.18
N ALA D 90 -0.56 10.97 -14.93
CA ALA D 90 0.85 10.78 -14.59
C ALA D 90 0.99 10.71 -13.08
N VAL D 91 2.21 10.40 -12.64
CA VAL D 91 2.62 10.57 -11.26
C VAL D 91 3.41 11.87 -11.18
N TYR D 92 3.06 12.70 -10.19
CA TYR D 92 3.71 13.99 -10.01
C TYR D 92 4.60 13.94 -8.77
N TYR D 93 5.87 14.27 -8.96
CA TYR D 93 6.86 14.22 -7.90
C TYR D 93 7.32 15.63 -7.56
N CYS D 94 7.50 15.90 -6.27
CA CYS D 94 8.20 17.09 -5.81
C CYS D 94 9.60 16.69 -5.35
N GLN D 95 10.50 17.68 -5.32
CA GLN D 95 11.90 17.37 -5.09
C GLN D 95 12.57 18.46 -4.28
N ASN D 96 13.32 18.03 -3.26
CA ASN D 96 14.24 18.91 -2.55
C ASN D 96 15.41 19.25 -3.47
N ASP D 97 15.48 20.51 -3.90
CA ASP D 97 16.61 21.01 -4.66
C ASP D 97 17.47 21.95 -3.82
N TYR D 98 17.31 21.90 -2.50
CA TYR D 98 17.98 22.83 -1.59
C TYR D 98 19.40 22.39 -1.25
N SER D 99 19.59 21.11 -0.91
CA SER D 99 20.89 20.64 -0.49
C SER D 99 20.99 19.14 -0.68
N TYR D 100 22.22 18.66 -0.87
CA TYR D 100 22.48 17.25 -1.11
C TYR D 100 22.39 16.45 0.20
N PRO D 101 21.90 15.21 0.16
CA PRO D 101 21.43 14.54 -1.07
C PRO D 101 20.07 15.03 -1.55
N LEU D 102 19.95 15.27 -2.85
CA LEU D 102 18.66 15.63 -3.43
C LEU D 102 17.68 14.49 -3.23
N THR D 103 16.48 14.82 -2.75
CA THR D 103 15.51 13.81 -2.38
C THR D 103 14.16 14.11 -3.03
N PHE D 104 13.40 13.05 -3.29
CA PHE D 104 12.11 13.13 -3.95
C PHE D 104 11.02 12.62 -3.02
N GLY D 105 9.81 13.12 -3.26
CA GLY D 105 8.65 12.53 -2.62
C GLY D 105 8.22 11.26 -3.33
N ALA D 106 7.32 10.52 -2.69
CA ALA D 106 6.87 9.26 -3.25
C ALA D 106 5.91 9.43 -4.41
N GLY D 107 5.52 10.65 -4.73
CA GLY D 107 4.69 10.90 -5.90
C GLY D 107 3.21 10.83 -5.61
N THR D 108 2.44 11.61 -6.36
CA THR D 108 0.98 11.62 -6.29
C THR D 108 0.43 11.24 -7.65
N LYS D 109 -0.31 10.14 -7.72
CA LYS D 109 -0.86 9.66 -8.97
C LYS D 109 -2.14 10.40 -9.31
N LEU D 110 -2.27 10.84 -10.56
CA LEU D 110 -3.44 11.56 -11.03
C LEU D 110 -4.21 10.65 -11.99
N GLU D 111 -5.45 10.34 -11.64
CA GLU D 111 -6.35 9.59 -12.50
C GLU D 111 -7.59 10.43 -12.80
N LEU D 112 -8.40 9.94 -13.73
CA LEU D 112 -9.53 10.70 -14.24
C LEU D 112 -10.84 9.94 -14.06
N LYS D 113 -11.89 10.67 -13.72
CA LYS D 113 -13.25 10.16 -13.77
C LYS D 113 -13.83 10.38 -15.16
N ARG D 114 -14.86 9.61 -15.48
CA ARG D 114 -15.29 9.50 -16.87
C ARG D 114 -16.66 8.84 -16.89
N ALA D 115 -17.37 9.02 -18.00
CA ALA D 115 -18.61 8.29 -18.22
C ALA D 115 -18.32 6.79 -18.33
N ASP D 116 -19.33 5.99 -18.01
CA ASP D 116 -19.16 4.55 -18.02
C ASP D 116 -18.87 4.04 -19.43
N ALA D 117 -18.20 2.90 -19.49
CA ALA D 117 -17.87 2.26 -20.76
C ALA D 117 -17.80 0.76 -20.55
N ALA D 118 -18.57 0.02 -21.34
CA ALA D 118 -18.59 -1.44 -21.19
C ALA D 118 -17.33 -2.06 -21.78
N PRO D 119 -16.80 -3.10 -21.17
CA PRO D 119 -15.61 -3.76 -21.71
C PRO D 119 -15.94 -4.61 -22.92
N THR D 120 -15.03 -4.60 -23.89
CA THR D 120 -15.07 -5.53 -25.01
C THR D 120 -14.25 -6.75 -24.63
N VAL D 121 -14.90 -7.92 -24.56
CA VAL D 121 -14.30 -9.13 -24.02
C VAL D 121 -14.03 -10.10 -25.15
N SER D 122 -12.81 -10.63 -25.18
CA SER D 122 -12.38 -11.59 -26.20
C SER D 122 -11.63 -12.74 -25.52
N ILE D 123 -12.02 -13.96 -25.85
CA ILE D 123 -11.41 -15.16 -25.28
C ILE D 123 -10.64 -15.88 -26.38
N PHE D 124 -9.53 -16.51 -26.00
CA PHE D 124 -8.64 -17.17 -26.95
C PHE D 124 -8.23 -18.55 -26.46
N PRO D 125 -8.43 -19.59 -27.25
CA PRO D 125 -7.96 -20.92 -26.87
C PRO D 125 -6.45 -20.99 -26.92
N PRO D 126 -5.84 -21.99 -26.28
CA PRO D 126 -4.38 -22.14 -26.40
C PRO D 126 -3.97 -22.38 -27.84
N SER D 127 -2.88 -21.75 -28.24
CA SER D 127 -2.35 -21.97 -29.58
C SER D 127 -1.88 -23.42 -29.71
N SER D 128 -1.94 -23.94 -30.94
CA SER D 128 -1.43 -25.28 -31.18
C SER D 128 0.07 -25.35 -30.89
N GLU D 129 0.79 -24.25 -31.07
CA GLU D 129 2.21 -24.22 -30.77
C GLU D 129 2.48 -24.48 -29.29
N GLN D 130 1.69 -23.85 -28.41
CA GLN D 130 1.93 -24.02 -26.98
C GLN D 130 1.64 -25.45 -26.53
N LEU D 131 0.60 -26.08 -27.11
CA LEU D 131 0.24 -27.43 -26.70
C LEU D 131 1.30 -28.46 -27.07
N THR D 132 2.17 -28.15 -28.04
CA THR D 132 3.21 -29.11 -28.40
C THR D 132 4.26 -29.24 -27.31
N SER D 133 4.44 -28.20 -26.50
CA SER D 133 5.41 -28.23 -25.40
C SER D 133 4.78 -28.60 -24.07
N GLY D 134 3.48 -28.87 -24.03
CA GLY D 134 2.83 -29.43 -22.86
C GLY D 134 1.97 -28.46 -22.07
N GLY D 135 2.04 -27.16 -22.35
CA GLY D 135 1.24 -26.18 -21.63
C GLY D 135 0.01 -25.78 -22.42
N ALA D 136 -0.95 -25.18 -21.70
CA ALA D 136 -2.20 -24.75 -22.33
C ALA D 136 -2.69 -23.52 -21.57
N SER D 137 -2.48 -22.35 -22.17
CA SER D 137 -2.93 -21.08 -21.60
C SER D 137 -4.18 -20.61 -22.31
N VAL D 138 -5.18 -20.20 -21.54
CA VAL D 138 -6.39 -19.58 -22.08
C VAL D 138 -6.36 -18.12 -21.68
N VAL D 139 -6.41 -17.23 -22.67
CA VAL D 139 -6.23 -15.80 -22.46
C VAL D 139 -7.55 -15.09 -22.71
N CYS D 140 -7.89 -14.14 -21.85
CA CYS D 140 -9.10 -13.34 -21.97
C CYS D 140 -8.74 -11.86 -21.86
N PHE D 141 -9.17 -11.08 -22.85
CA PHE D 141 -8.92 -9.64 -22.90
C PHE D 141 -10.20 -8.90 -22.56
N LEU D 142 -10.10 -7.90 -21.68
CA LEU D 142 -11.21 -7.05 -21.29
C LEU D 142 -10.72 -5.61 -21.46
N ASN D 143 -11.10 -4.97 -22.57
CA ASN D 143 -10.46 -3.75 -23.01
C ASN D 143 -11.40 -2.56 -22.97
N ASN D 144 -10.86 -1.41 -22.57
CA ASN D 144 -11.48 -0.10 -22.74
C ASN D 144 -12.81 -0.01 -21.98
N PHE D 145 -12.72 -0.16 -20.67
CA PHE D 145 -13.89 -0.06 -19.81
C PHE D 145 -13.65 0.97 -18.71
N TYR D 146 -14.75 1.47 -18.15
CA TYR D 146 -14.72 2.37 -17.01
C TYR D 146 -16.01 2.16 -16.23
N PRO D 147 -15.96 2.12 -14.89
CA PRO D 147 -14.79 2.31 -14.00
C PRO D 147 -13.82 1.14 -13.99
N LYS D 148 -12.72 1.31 -13.25
CA LYS D 148 -11.68 0.30 -13.18
C LYS D 148 -12.15 -0.97 -12.48
N ASP D 149 -13.16 -0.87 -11.62
CA ASP D 149 -13.65 -2.04 -10.90
C ASP D 149 -14.25 -3.05 -11.87
N ILE D 150 -13.71 -4.27 -11.86
CA ILE D 150 -14.22 -5.35 -12.69
C ILE D 150 -13.81 -6.66 -12.03
N ASN D 151 -14.68 -7.66 -12.12
CA ASN D 151 -14.41 -8.98 -11.57
C ASN D 151 -14.47 -10.00 -12.70
N VAL D 152 -13.46 -10.86 -12.75
CA VAL D 152 -13.33 -11.87 -13.79
C VAL D 152 -13.26 -13.25 -13.13
N LYS D 153 -14.12 -14.16 -13.59
CA LYS D 153 -14.14 -15.53 -13.12
C LYS D 153 -13.87 -16.47 -14.29
N TRP D 154 -12.96 -17.41 -14.10
CA TRP D 154 -12.73 -18.47 -15.07
C TRP D 154 -13.56 -19.69 -14.68
N LYS D 155 -14.23 -20.28 -15.67
CA LYS D 155 -15.02 -21.48 -15.45
C LYS D 155 -14.64 -22.53 -16.48
N ILE D 156 -14.42 -23.76 -16.02
CA ILE D 156 -14.13 -24.90 -16.86
C ILE D 156 -15.28 -25.90 -16.68
N ASP D 157 -16.07 -26.10 -17.74
CA ASP D 157 -17.29 -26.90 -17.67
C ASP D 157 -18.20 -26.40 -16.53
N GLY D 158 -18.30 -25.06 -16.42
CA GLY D 158 -19.17 -24.45 -15.45
C GLY D 158 -18.63 -24.37 -14.03
N SER D 159 -17.42 -24.85 -13.78
CA SER D 159 -16.84 -24.84 -12.45
C SER D 159 -15.79 -23.75 -12.34
N GLU D 160 -15.86 -22.96 -11.27
CA GLU D 160 -14.92 -21.86 -11.07
C GLU D 160 -13.50 -22.39 -10.89
N ARG D 161 -12.54 -21.65 -11.44
CA ARG D 161 -11.14 -22.03 -11.49
C ARG D 161 -10.33 -20.84 -10.99
N GLN D 162 -9.48 -21.05 -9.97
CA GLN D 162 -8.80 -19.94 -9.30
C GLN D 162 -7.27 -20.00 -9.33
N ASN D 163 -6.69 -21.19 -9.15
CA ASN D 163 -5.25 -21.37 -9.31
C ASN D 163 -4.90 -21.45 -10.79
N GLY D 164 -3.70 -20.99 -11.14
CA GLY D 164 -3.23 -21.02 -12.51
C GLY D 164 -3.57 -19.80 -13.33
N VAL D 165 -4.38 -18.88 -12.80
CA VAL D 165 -4.75 -17.67 -13.53
C VAL D 165 -3.80 -16.55 -13.11
N LEU D 166 -3.42 -15.73 -14.07
CA LEU D 166 -2.61 -14.54 -13.85
C LEU D 166 -3.28 -13.36 -14.52
N ASN D 167 -3.32 -12.22 -13.83
CA ASN D 167 -4.01 -11.04 -14.33
C ASN D 167 -3.02 -9.88 -14.47
N SER D 168 -3.31 -9.01 -15.42
CA SER D 168 -2.54 -7.79 -15.63
C SER D 168 -3.49 -6.66 -15.98
N TRP D 169 -3.24 -5.48 -15.42
CA TRP D 169 -4.06 -4.31 -15.64
C TRP D 169 -3.19 -3.20 -16.23
N THR D 170 -3.66 -2.58 -17.31
CA THR D 170 -2.97 -1.42 -17.86
C THR D 170 -3.23 -0.20 -17.00
N ASP D 171 -2.42 0.83 -17.21
CA ASP D 171 -2.73 2.13 -16.66
C ASP D 171 -3.92 2.73 -17.40
N GLN D 172 -4.52 3.76 -16.80
CA GLN D 172 -5.59 4.48 -17.47
C GLN D 172 -5.09 5.02 -18.81
N ASP D 173 -5.94 4.94 -19.82
CA ASP D 173 -5.55 5.37 -21.16
C ASP D 173 -5.52 6.89 -21.25
N SER D 174 -4.46 7.42 -21.85
CA SER D 174 -4.28 8.85 -21.94
C SER D 174 -5.17 9.51 -22.98
N LYS D 175 -5.90 8.73 -23.77
CA LYS D 175 -6.91 9.25 -24.69
C LYS D 175 -8.33 8.87 -24.26
N ASP D 176 -8.55 7.58 -23.99
CA ASP D 176 -9.88 7.09 -23.63
C ASP D 176 -10.25 7.41 -22.19
N SER D 177 -9.26 7.52 -21.30
CA SER D 177 -9.46 7.50 -19.85
C SER D 177 -10.10 6.20 -19.38
N THR D 178 -9.95 5.14 -20.17
CA THR D 178 -10.49 3.83 -19.83
C THR D 178 -9.38 2.93 -19.29
N TYR D 179 -9.77 1.73 -18.87
CA TYR D 179 -8.85 0.73 -18.36
C TYR D 179 -8.99 -0.54 -19.18
N SER D 180 -7.94 -1.37 -19.13
CA SER D 180 -7.94 -2.64 -19.83
C SER D 180 -7.33 -3.70 -18.91
N MET D 181 -7.69 -4.95 -19.17
CA MET D 181 -7.28 -6.04 -18.30
C MET D 181 -7.04 -7.29 -19.13
N SER D 182 -6.03 -8.06 -18.76
CA SER D 182 -5.72 -9.34 -19.39
C SER D 182 -5.70 -10.42 -18.32
N SER D 183 -6.41 -11.51 -18.57
CA SER D 183 -6.45 -12.65 -17.65
C SER D 183 -6.05 -13.90 -18.41
N THR D 184 -5.06 -14.62 -17.89
CA THR D 184 -4.56 -15.84 -18.51
C THR D 184 -4.72 -17.00 -17.55
N LEU D 185 -5.37 -18.06 -18.02
CA LEU D 185 -5.55 -19.29 -17.25
C LEU D 185 -4.65 -20.36 -17.86
N THR D 186 -3.64 -20.77 -17.09
CA THR D 186 -2.61 -21.69 -17.56
C THR D 186 -2.79 -23.06 -16.94
N LEU D 187 -2.89 -24.08 -17.78
CA LEU D 187 -2.98 -25.47 -17.36
C LEU D 187 -1.92 -26.28 -18.08
N THR D 188 -1.73 -27.51 -17.61
CA THR D 188 -1.02 -28.48 -18.43
C THR D 188 -1.92 -28.93 -19.57
N LYS D 189 -1.28 -29.41 -20.65
CA LYS D 189 -2.05 -29.88 -21.79
C LYS D 189 -3.01 -31.00 -21.40
N ASP D 190 -2.58 -31.88 -20.50
CA ASP D 190 -3.38 -33.06 -20.17
C ASP D 190 -4.67 -32.68 -19.46
N GLU D 191 -4.61 -31.75 -18.50
CA GLU D 191 -5.84 -31.33 -17.83
C GLU D 191 -6.69 -30.44 -18.73
N TYR D 192 -6.06 -29.76 -19.69
CA TYR D 192 -6.83 -28.99 -20.67
C TYR D 192 -7.66 -29.92 -21.55
N GLU D 193 -7.11 -31.08 -21.90
CA GLU D 193 -7.82 -31.99 -22.79
C GLU D 193 -8.99 -32.69 -22.11
N ARG D 194 -8.96 -32.84 -20.77
CA ARG D 194 -10.03 -33.54 -20.08
C ARG D 194 -11.37 -32.84 -20.25
N HIS D 195 -11.37 -31.51 -20.37
CA HIS D 195 -12.57 -30.73 -20.53
C HIS D 195 -12.58 -30.08 -21.92
N ASN D 196 -13.73 -29.51 -22.28
CA ASN D 196 -13.86 -28.82 -23.55
C ASN D 196 -14.47 -27.42 -23.46
N SER D 197 -15.23 -27.11 -22.41
CA SER D 197 -15.88 -25.81 -22.27
C SER D 197 -15.05 -24.92 -21.36
N TYR D 198 -14.68 -23.74 -21.87
CA TYR D 198 -13.88 -22.78 -21.13
C TYR D 198 -14.53 -21.41 -21.24
N THR D 199 -14.71 -20.74 -20.10
CA THR D 199 -15.53 -19.53 -20.02
C THR D 199 -14.79 -18.43 -19.28
N CYS D 200 -14.81 -17.23 -19.85
CA CYS D 200 -14.31 -16.01 -19.20
C CYS D 200 -15.52 -15.15 -18.85
N GLU D 201 -15.84 -15.07 -17.56
CA GLU D 201 -17.04 -14.39 -17.08
C GLU D 201 -16.63 -13.09 -16.40
N ALA D 202 -17.17 -11.97 -16.89
CA ALA D 202 -16.84 -10.64 -16.39
C ALA D 202 -18.08 -9.96 -15.86
N THR D 203 -17.98 -9.38 -14.68
CA THR D 203 -19.04 -8.55 -14.11
C THR D 203 -18.54 -7.12 -14.00
N HIS D 204 -19.32 -6.19 -14.53
CA HIS D 204 -18.96 -4.79 -14.55
C HIS D 204 -20.20 -3.95 -14.29
N LYS D 205 -19.99 -2.71 -13.84
CA LYS D 205 -21.09 -1.81 -13.53
C LYS D 205 -22.06 -1.69 -14.71
N THR D 206 -21.54 -1.69 -15.92
CA THR D 206 -22.28 -1.47 -17.17
C THR D 206 -23.24 -2.61 -17.53
N SER D 207 -23.48 -3.63 -16.71
CA SER D 207 -24.39 -4.71 -17.09
C SER D 207 -24.84 -5.44 -15.84
N THR D 208 -26.16 -5.61 -15.70
CA THR D 208 -26.68 -6.38 -14.57
C THR D 208 -26.36 -7.86 -14.70
N SER D 209 -26.21 -8.35 -15.93
CA SER D 209 -25.78 -9.71 -16.19
C SER D 209 -24.29 -9.74 -16.51
N PRO D 210 -23.59 -10.82 -16.16
CA PRO D 210 -22.16 -10.90 -16.47
C PRO D 210 -21.93 -11.08 -17.97
N ILE D 211 -20.87 -10.45 -18.46
CA ILE D 211 -20.46 -10.64 -19.85
C ILE D 211 -19.74 -11.98 -19.95
N VAL D 212 -20.21 -12.85 -20.83
CA VAL D 212 -19.75 -14.23 -20.91
C VAL D 212 -19.20 -14.49 -22.30
N LYS D 213 -17.95 -14.93 -22.37
CA LYS D 213 -17.31 -15.37 -23.59
C LYS D 213 -16.74 -16.76 -23.37
N SER D 214 -17.05 -17.69 -24.28
CA SER D 214 -16.66 -19.07 -24.11
C SER D 214 -16.19 -19.65 -25.44
N PHE D 215 -15.66 -20.87 -25.37
CA PHE D 215 -15.34 -21.66 -26.54
C PHE D 215 -15.32 -23.12 -26.13
N ASN D 216 -15.42 -23.99 -27.13
CA ASN D 216 -15.54 -25.42 -26.93
C ASN D 216 -14.47 -26.13 -27.75
N ARG D 217 -14.31 -27.43 -27.48
CA ARG D 217 -13.22 -28.25 -28.02
C ARG D 217 -11.84 -27.69 -27.66
N GLY E 32 3.00 32.60 8.06
CA GLY E 32 3.48 31.24 7.89
C GLY E 32 2.69 30.24 8.71
N GLU E 33 2.57 30.51 10.01
CA GLU E 33 1.79 29.62 10.88
C GLU E 33 0.30 29.79 10.66
N LEU E 34 -0.15 30.99 10.30
CA LEU E 34 -1.56 31.23 10.01
C LEU E 34 -2.04 30.33 8.88
N TYR E 35 -1.29 30.30 7.78
CA TYR E 35 -1.71 29.54 6.60
C TYR E 35 -1.68 28.04 6.86
N GLN E 36 -0.68 27.57 7.61
CA GLN E 36 -0.61 26.16 7.94
C GLN E 36 -1.77 25.73 8.83
N ARG E 37 -2.20 26.61 9.76
CA ARG E 37 -3.39 26.35 10.55
C ARG E 37 -4.65 26.38 9.68
N TRP E 38 -4.69 27.29 8.70
CA TRP E 38 -5.81 27.33 7.78
C TRP E 38 -5.87 26.06 6.95
N GLU E 39 -4.71 25.56 6.53
CA GLU E 39 -4.67 24.27 5.82
C GLU E 39 -5.26 23.16 6.68
N HIS E 40 -4.89 23.13 7.96
CA HIS E 40 -5.39 22.08 8.86
C HIS E 40 -6.91 22.18 9.03
N TYR E 41 -7.44 23.40 9.12
CA TYR E 41 -8.88 23.58 9.23
C TYR E 41 -9.59 23.00 8.01
N GLY E 42 -9.06 23.25 6.80
CA GLY E 42 -9.63 22.66 5.61
C GLY E 42 -9.50 21.14 5.61
N GLN E 43 -8.35 20.63 6.04
CA GLN E 43 -8.18 19.19 6.17
C GLN E 43 -9.16 18.60 7.18
N GLU E 44 -9.37 19.29 8.29
CA GLU E 44 -10.32 18.83 9.29
C GLU E 44 -11.73 18.76 8.72
N CYS E 45 -12.07 19.69 7.83
CA CYS E 45 -13.41 19.71 7.24
C CYS E 45 -13.63 18.51 6.33
N GLN E 46 -12.65 18.21 5.48
CA GLN E 46 -12.74 17.04 4.61
C GLN E 46 -12.88 15.77 5.44
N LYS E 47 -12.10 15.66 6.52
CA LYS E 47 -12.16 14.47 7.36
C LYS E 47 -13.53 14.31 8.01
N MET E 48 -14.08 15.40 8.53
CA MET E 48 -15.38 15.33 9.19
C MET E 48 -16.47 14.89 8.21
N LEU E 49 -16.41 15.38 6.97
CA LEU E 49 -17.37 14.96 5.97
C LEU E 49 -17.16 13.50 5.57
N GLU E 50 -15.91 13.05 5.52
CA GLU E 50 -15.62 11.67 5.14
C GLU E 50 -15.87 10.67 6.25
N THR E 51 -16.17 11.13 7.47
CA THR E 51 -16.44 10.25 8.59
C THR E 51 -17.82 10.53 9.21
N THR E 52 -18.71 11.15 8.43
CA THR E 52 -20.08 11.40 8.84
C THR E 52 -20.98 11.25 7.63
N GLU E 53 -22.28 11.15 7.89
CA GLU E 53 -23.31 11.12 6.86
C GLU E 53 -24.31 12.25 7.13
N PRO E 54 -25.01 12.70 6.09
CA PRO E 54 -25.99 13.78 6.28
C PRO E 54 -27.17 13.29 7.10
N PRO E 55 -27.95 14.21 7.69
CA PRO E 55 -29.18 13.80 8.38
C PRO E 55 -30.21 13.26 7.39
N SER E 56 -31.28 12.71 7.94
CA SER E 56 -32.32 12.11 7.13
C SER E 56 -33.06 13.16 6.32
N GLY E 57 -33.32 12.86 5.05
CA GLY E 57 -34.07 13.73 4.18
C GLY E 57 -33.19 14.59 3.29
N LEU E 58 -33.85 15.54 2.63
CA LEU E 58 -33.14 16.48 1.77
C LEU E 58 -32.25 17.38 2.62
N ALA E 59 -30.98 17.50 2.20
CA ALA E 59 -30.01 18.24 2.99
C ALA E 59 -28.95 18.81 2.06
N CYS E 60 -28.42 19.97 2.44
CA CYS E 60 -27.31 20.56 1.70
C CYS E 60 -26.04 19.74 1.92
N ASN E 61 -25.25 19.60 0.86
CA ASN E 61 -24.01 18.84 0.96
C ASN E 61 -22.97 19.63 1.73
N GLY E 62 -22.17 18.92 2.53
CA GLY E 62 -21.09 19.57 3.25
C GLY E 62 -20.03 20.10 2.30
N SER E 63 -19.40 21.19 2.71
CA SER E 63 -18.45 21.86 1.82
C SER E 63 -17.57 22.82 2.61
N PHE E 64 -16.30 22.89 2.22
CA PHE E 64 -15.37 23.88 2.72
C PHE E 64 -15.17 24.94 1.63
N ASP E 65 -15.55 26.18 1.93
CA ASP E 65 -15.57 27.24 0.94
C ASP E 65 -14.35 28.14 1.01
N MET E 66 -13.24 27.66 1.57
CA MET E 66 -11.99 28.34 1.83
C MET E 66 -12.08 29.27 3.03
N TYR E 67 -13.26 29.57 3.54
CA TYR E 67 -13.41 30.34 4.77
C TYR E 67 -13.96 29.51 5.93
N ALA E 68 -15.08 28.83 5.72
CA ALA E 68 -15.74 28.10 6.80
C ALA E 68 -16.09 26.69 6.34
N CYS E 69 -16.13 25.78 7.31
CA CYS E 69 -16.52 24.40 7.06
C CYS E 69 -18.03 24.29 7.26
N TRP E 70 -18.75 24.05 6.16
CA TRP E 70 -20.20 23.93 6.21
C TRP E 70 -20.57 22.46 6.28
N ASN E 71 -21.29 22.08 7.34
CA ASN E 71 -21.68 20.70 7.56
C ASN E 71 -22.95 20.37 6.78
N TYR E 72 -23.26 19.07 6.71
CA TYR E 72 -24.56 18.64 6.21
C TYR E 72 -25.66 19.34 7.00
N THR E 73 -26.60 19.95 6.27
CA THR E 73 -27.61 20.78 6.89
C THR E 73 -28.97 20.49 6.28
N ALA E 74 -29.98 20.34 7.13
CA ALA E 74 -31.33 20.05 6.66
C ALA E 74 -31.83 21.17 5.75
N ALA E 75 -32.62 20.81 4.75
CA ALA E 75 -33.11 21.78 3.79
C ALA E 75 -33.98 22.83 4.46
N ASN E 76 -34.03 24.01 3.84
CA ASN E 76 -34.85 25.12 4.31
C ASN E 76 -34.50 25.53 5.74
N THR E 77 -33.20 25.59 6.02
CA THR E 77 -32.70 26.05 7.31
C THR E 77 -31.51 26.96 7.08
N THR E 78 -31.22 27.78 8.08
CA THR E 78 -30.02 28.61 8.10
C THR E 78 -28.99 27.94 8.99
N ALA E 79 -27.88 27.50 8.38
CA ALA E 79 -26.86 26.78 9.11
C ALA E 79 -25.95 27.75 9.87
N ARG E 80 -25.38 27.25 10.96
CA ARG E 80 -24.37 27.98 11.71
C ARG E 80 -23.22 27.03 12.02
N VAL E 81 -22.00 27.55 11.96
CA VAL E 81 -20.81 26.86 12.44
C VAL E 81 -19.95 27.87 13.17
N SER E 82 -19.19 27.39 14.14
CA SER E 82 -18.35 28.28 14.93
C SER E 82 -17.38 29.04 14.03
N CYS E 83 -17.02 30.24 14.47
CA CYS E 83 -15.98 30.98 13.78
C CYS E 83 -14.74 30.10 13.64
N PRO E 84 -14.16 30.00 12.44
CA PRO E 84 -13.09 29.01 12.23
C PRO E 84 -11.93 29.25 13.17
N TRP E 85 -11.42 28.15 13.74
CA TRP E 85 -10.33 28.32 14.72
C TRP E 85 -9.01 28.68 14.06
N TYR E 86 -8.94 29.00 12.77
CA TYR E 86 -7.69 29.45 12.18
C TYR E 86 -7.53 30.96 12.23
N LEU E 87 -8.57 31.69 12.56
CA LEU E 87 -8.49 33.14 12.61
C LEU E 87 -7.51 33.57 13.69
N PRO E 88 -6.60 34.50 13.40
CA PRO E 88 -5.65 34.95 14.43
C PRO E 88 -6.33 35.49 15.68
N TRP E 89 -7.56 35.99 15.54
CA TRP E 89 -8.34 36.51 16.66
C TRP E 89 -9.43 35.54 17.10
N PHE E 90 -9.21 34.23 16.96
CA PHE E 90 -10.25 33.26 17.27
C PHE E 90 -10.66 33.29 18.74
N ARG E 91 -9.72 33.60 19.63
CA ARG E 91 -10.01 33.55 21.07
C ARG E 91 -11.16 34.49 21.43
N GLN E 92 -11.20 35.67 20.83
CA GLN E 92 -12.19 36.69 21.17
C GLN E 92 -13.48 36.57 20.36
N VAL E 93 -13.58 35.57 19.48
CA VAL E 93 -14.79 35.36 18.68
C VAL E 93 -15.19 33.89 18.76
N SER E 94 -14.61 33.16 19.72
CA SER E 94 -14.79 31.71 19.77
C SER E 94 -16.23 31.29 20.00
N ALA E 95 -17.05 32.15 20.60
CA ALA E 95 -18.45 31.84 20.84
C ALA E 95 -19.35 32.33 19.72
N GLY E 96 -18.79 32.91 18.65
CA GLY E 96 -19.58 33.41 17.55
C GLY E 96 -19.78 32.38 16.45
N PHE E 97 -20.59 32.74 15.46
CA PHE E 97 -20.94 31.83 14.38
C PHE E 97 -20.94 32.59 13.06
N VAL E 98 -20.68 31.86 11.98
CA VAL E 98 -20.95 32.32 10.63
C VAL E 98 -22.19 31.59 10.13
N PHE E 99 -23.04 32.30 9.39
CA PHE E 99 -24.33 31.77 8.99
C PHE E 99 -24.41 31.67 7.48
N ARG E 100 -25.18 30.68 7.02
CA ARG E 100 -25.40 30.45 5.59
C ARG E 100 -26.73 29.74 5.44
N GLN E 101 -27.44 30.05 4.36
CA GLN E 101 -28.76 29.50 4.12
C GLN E 101 -28.68 28.21 3.32
N CYS E 102 -29.32 27.16 3.83
CA CYS E 102 -29.53 25.93 3.08
C CYS E 102 -30.93 26.00 2.49
N GLY E 103 -31.01 26.21 1.18
CA GLY E 103 -32.28 26.37 0.52
C GLY E 103 -33.17 25.16 0.66
N SER E 104 -34.45 25.37 0.36
CA SER E 104 -35.42 24.28 0.39
C SER E 104 -35.16 23.25 -0.70
N ASP E 105 -34.27 23.55 -1.65
CA ASP E 105 -33.91 22.62 -2.72
C ASP E 105 -32.63 21.86 -2.41
N GLY E 106 -32.20 21.84 -1.15
CA GLY E 106 -30.96 21.18 -0.79
C GLY E 106 -29.71 21.85 -1.33
N GLN E 107 -29.80 23.10 -1.75
CA GLN E 107 -28.70 23.83 -2.33
C GLN E 107 -28.30 24.99 -1.42
N TRP E 108 -27.00 25.21 -1.29
CA TRP E 108 -26.51 26.30 -0.46
C TRP E 108 -26.78 27.64 -1.11
N GLY E 109 -26.93 28.68 -0.28
CA GLY E 109 -27.01 30.02 -0.78
C GLY E 109 -25.63 30.65 -0.94
N SER E 110 -25.60 31.77 -1.66
CA SER E 110 -24.35 32.48 -1.88
C SER E 110 -24.09 33.58 -0.87
N TRP E 111 -25.09 33.95 -0.07
CA TRP E 111 -24.94 34.96 0.96
C TRP E 111 -24.39 34.35 2.24
N ARG E 112 -23.79 35.20 3.08
CA ARG E 112 -23.19 34.76 4.33
C ARG E 112 -23.16 35.91 5.32
N ASP E 113 -23.36 35.57 6.59
CA ASP E 113 -23.22 36.50 7.71
C ASP E 113 -22.08 36.00 8.57
N HIS E 114 -20.92 36.68 8.49
CA HIS E 114 -19.79 36.36 9.36
C HIS E 114 -19.42 37.56 10.24
N THR E 115 -20.41 38.39 10.57
CA THR E 115 -20.15 39.56 11.41
C THR E 115 -19.67 39.17 12.79
N GLN E 116 -20.18 38.06 13.33
CA GLN E 116 -19.76 37.61 14.65
C GLN E 116 -18.31 37.12 14.67
N CYS E 117 -17.68 36.94 13.51
CA CYS E 117 -16.32 36.46 13.42
C CYS E 117 -15.32 37.54 13.02
N GLU E 118 -15.73 38.81 13.07
CA GLU E 118 -14.86 39.90 12.66
C GLU E 118 -13.78 40.14 13.71
N ASN E 119 -12.63 40.62 13.24
CA ASN E 119 -11.54 41.02 14.12
C ASN E 119 -12.00 42.16 15.03
N PRO E 120 -11.98 41.98 16.35
CA PRO E 120 -12.48 43.04 17.25
C PRO E 120 -11.45 44.13 17.54
N GLU E 121 -10.53 44.35 16.61
CA GLU E 121 -9.48 45.37 16.72
C GLU E 121 -8.84 45.46 18.11
N GLY F 32 26.80 36.16 13.04
CA GLY F 32 27.11 34.75 12.90
C GLY F 32 26.43 34.11 11.72
N GLU F 33 25.18 34.52 11.46
CA GLU F 33 24.44 34.02 10.32
C GLU F 33 24.91 34.63 9.00
N LEU F 34 25.56 35.80 9.06
CA LEU F 34 26.07 36.44 7.84
C LEU F 34 27.07 35.54 7.13
N TYR F 35 27.86 34.78 7.88
CA TYR F 35 28.81 33.86 7.28
C TYR F 35 28.10 32.78 6.48
N GLN F 36 26.97 32.28 7.00
CA GLN F 36 26.21 31.26 6.29
C GLN F 36 25.60 31.81 5.00
N ARG F 37 25.06 33.03 5.06
CA ARG F 37 24.49 33.65 3.88
C ARG F 37 25.55 33.85 2.80
N TRP F 38 26.75 34.28 3.21
CA TRP F 38 27.85 34.43 2.26
C TRP F 38 28.26 33.08 1.68
N GLU F 39 28.26 32.04 2.51
CA GLU F 39 28.54 30.69 2.01
C GLU F 39 27.49 30.26 0.99
N HIS F 40 26.21 30.50 1.28
CA HIS F 40 25.15 30.13 0.35
C HIS F 40 25.29 30.87 -0.97
N TYR F 41 25.67 32.16 -0.91
CA TYR F 41 25.84 32.95 -2.13
C TYR F 41 26.93 32.36 -3.02
N GLY F 42 28.06 31.97 -2.41
CA GLY F 42 29.10 31.33 -3.20
C GLY F 42 28.67 30.00 -3.76
N GLN F 43 27.98 29.19 -2.96
CA GLN F 43 27.45 27.91 -3.44
C GLN F 43 26.44 28.13 -4.57
N GLU F 44 25.61 29.16 -4.46
CA GLU F 44 24.62 29.45 -5.50
C GLU F 44 25.30 29.87 -6.81
N CYS F 45 26.45 30.55 -6.71
CA CYS F 45 27.16 30.97 -7.91
C CYS F 45 27.65 29.78 -8.71
N GLN F 46 28.29 28.82 -8.04
CA GLN F 46 28.74 27.60 -8.72
C GLN F 46 27.56 26.83 -9.28
N LYS F 47 26.44 26.81 -8.57
CA LYS F 47 25.25 26.12 -9.06
C LYS F 47 24.75 26.75 -10.35
N MET F 48 24.75 28.09 -10.43
CA MET F 48 24.33 28.75 -11.65
C MET F 48 25.26 28.44 -12.81
N LEU F 49 26.57 28.42 -12.55
CA LEU F 49 27.52 28.11 -13.61
C LEU F 49 27.46 26.64 -14.01
N GLU F 50 27.18 25.74 -13.07
CA GLU F 50 27.07 24.32 -13.38
C GLU F 50 25.77 23.95 -14.06
N THR F 51 24.81 24.87 -14.15
CA THR F 51 23.53 24.60 -14.80
C THR F 51 23.24 25.57 -15.93
N THR F 52 24.27 26.29 -16.40
CA THR F 52 24.16 27.17 -17.56
C THR F 52 25.42 27.04 -18.40
N GLU F 53 25.32 27.49 -19.64
CA GLU F 53 26.51 27.53 -20.50
C GLU F 53 26.69 28.93 -21.06
N PRO F 54 27.93 29.33 -21.34
CA PRO F 54 28.17 30.66 -21.88
C PRO F 54 27.76 30.75 -23.34
N PRO F 55 27.39 31.94 -23.81
CA PRO F 55 27.18 32.12 -25.26
C PRO F 55 28.50 32.08 -26.01
N SER F 56 28.41 31.79 -27.30
CA SER F 56 29.59 31.65 -28.12
C SER F 56 30.31 32.98 -28.28
N GLY F 57 31.61 32.90 -28.56
CA GLY F 57 32.45 34.06 -28.74
C GLY F 57 33.41 34.25 -27.57
N LEU F 58 34.38 35.13 -27.79
CA LEU F 58 35.31 35.50 -26.73
C LEU F 58 34.54 36.06 -25.55
N ALA F 59 34.72 35.43 -24.39
CA ALA F 59 33.90 35.77 -23.22
C ALA F 59 34.66 35.47 -21.95
N CYS F 60 34.47 36.32 -20.95
CA CYS F 60 35.05 36.07 -19.63
C CYS F 60 34.30 34.93 -18.95
N ASN F 61 35.05 34.07 -18.27
CA ASN F 61 34.48 32.92 -17.61
C ASN F 61 33.75 33.33 -16.34
N GLY F 62 32.66 32.61 -16.04
CA GLY F 62 31.96 32.85 -14.79
C GLY F 62 32.87 32.62 -13.60
N SER F 63 32.70 33.45 -12.57
CA SER F 63 33.61 33.41 -11.44
C SER F 63 32.95 34.05 -10.22
N PHE F 64 33.27 33.49 -9.05
CA PHE F 64 32.89 34.06 -7.75
C PHE F 64 34.17 34.55 -7.09
N ASP F 65 34.30 35.86 -6.92
CA ASP F 65 35.53 36.49 -6.46
C ASP F 65 35.55 36.74 -4.96
N MET F 66 34.75 35.99 -4.19
CA MET F 66 34.51 36.09 -2.76
C MET F 66 33.59 37.26 -2.41
N TYR F 67 33.21 38.11 -3.36
CA TYR F 67 32.27 39.19 -3.11
C TYR F 67 31.01 39.09 -3.96
N ALA F 68 31.16 39.01 -5.28
CA ALA F 68 30.02 38.98 -6.19
C ALA F 68 30.15 37.80 -7.14
N CYS F 69 29.02 37.39 -7.70
CA CYS F 69 28.96 36.27 -8.64
C CYS F 69 28.91 36.83 -10.05
N TRP F 70 30.02 36.71 -10.79
CA TRP F 70 30.12 37.22 -12.14
C TRP F 70 29.73 36.13 -13.11
N ASN F 71 28.67 36.36 -13.88
CA ASN F 71 28.20 35.43 -14.89
C ASN F 71 29.11 35.46 -16.10
N TYR F 72 28.88 34.54 -17.03
CA TYR F 72 29.54 34.62 -18.32
C TYR F 72 29.11 35.91 -19.03
N THR F 73 30.08 36.71 -19.46
CA THR F 73 29.79 37.90 -20.23
C THR F 73 30.80 38.05 -21.36
N ALA F 74 30.31 38.59 -22.48
CA ALA F 74 31.12 38.72 -23.67
C ALA F 74 32.25 39.73 -23.48
N ALA F 75 33.29 39.59 -24.29
CA ALA F 75 34.40 40.53 -24.25
C ALA F 75 33.92 41.93 -24.58
N ASN F 76 34.66 42.93 -24.08
CA ASN F 76 34.38 44.34 -24.34
C ASN F 76 33.01 44.75 -23.79
N THR F 77 32.60 44.15 -22.68
CA THR F 77 31.31 44.43 -22.07
C THR F 77 31.51 44.72 -20.59
N THR F 78 30.75 45.69 -20.08
CA THR F 78 30.69 45.96 -18.65
C THR F 78 29.62 45.05 -18.04
N ALA F 79 30.04 44.15 -17.16
CA ALA F 79 29.10 43.26 -16.50
C ALA F 79 28.43 43.98 -15.33
N ARG F 80 27.14 43.69 -15.14
CA ARG F 80 26.37 44.19 -14.02
C ARG F 80 25.81 43.02 -13.24
N VAL F 81 25.95 43.05 -11.93
CA VAL F 81 25.43 42.03 -11.05
C VAL F 81 24.75 42.72 -9.88
N SER F 82 23.51 42.33 -9.59
CA SER F 82 22.79 42.87 -8.45
C SER F 82 23.62 42.74 -7.19
N CYS F 83 23.45 43.69 -6.28
CA CYS F 83 24.19 43.67 -5.03
C CYS F 83 24.00 42.33 -4.33
N PRO F 84 25.06 41.73 -3.80
CA PRO F 84 24.94 40.38 -3.22
C PRO F 84 23.94 40.34 -2.09
N TRP F 85 23.08 39.32 -2.09
CA TRP F 85 21.99 39.26 -1.12
C TRP F 85 22.44 38.79 0.26
N TYR F 86 23.72 38.49 0.46
CA TYR F 86 24.19 38.23 1.81
C TYR F 86 24.48 39.51 2.57
N LEU F 87 24.47 40.66 1.91
CA LEU F 87 24.76 41.93 2.58
C LEU F 87 23.66 42.25 3.58
N PRO F 88 24.00 42.64 4.81
CA PRO F 88 22.96 42.99 5.79
C PRO F 88 22.01 44.07 5.32
N TRP F 89 22.49 45.03 4.52
CA TRP F 89 21.66 46.11 4.00
C TRP F 89 21.19 45.84 2.58
N PHE F 90 21.01 44.56 2.23
CA PHE F 90 20.70 44.20 0.84
C PHE F 90 19.38 44.81 0.38
N ARG F 91 18.37 44.81 1.23
CA ARG F 91 17.04 45.26 0.82
C ARG F 91 17.01 46.74 0.51
N GLN F 92 18.00 47.50 0.98
CA GLN F 92 18.11 48.92 0.66
C GLN F 92 18.96 49.17 -0.58
N VAL F 93 19.60 48.13 -1.12
CA VAL F 93 20.44 48.26 -2.30
C VAL F 93 20.09 47.15 -3.29
N SER F 94 18.93 46.53 -3.10
CA SER F 94 18.53 45.41 -3.94
C SER F 94 18.35 45.81 -5.40
N ALA F 95 18.11 47.09 -5.68
CA ALA F 95 18.08 47.59 -7.03
C ALA F 95 19.44 48.04 -7.54
N GLY F 96 20.48 47.97 -6.69
CA GLY F 96 21.81 48.37 -7.07
C GLY F 96 22.58 47.27 -7.77
N PHE F 97 23.76 47.63 -8.28
CA PHE F 97 24.56 46.72 -9.08
C PHE F 97 26.04 46.92 -8.79
N VAL F 98 26.81 45.83 -8.89
CA VAL F 98 28.25 45.87 -8.95
C VAL F 98 28.65 45.80 -10.42
N PHE F 99 29.71 46.52 -10.79
CA PHE F 99 30.16 46.57 -12.17
C PHE F 99 31.59 46.08 -12.28
N ARG F 100 31.88 45.41 -13.39
CA ARG F 100 33.21 44.89 -13.67
C ARG F 100 33.39 44.79 -15.18
N GLN F 101 34.60 45.06 -15.65
CA GLN F 101 34.90 45.07 -17.07
C GLN F 101 35.35 43.69 -17.52
N CYS F 102 34.71 43.18 -18.57
CA CYS F 102 35.25 42.06 -19.33
C CYS F 102 36.04 42.64 -20.48
N GLY F 103 37.37 42.56 -20.39
CA GLY F 103 38.24 43.32 -21.25
C GLY F 103 38.32 42.80 -22.67
N SER F 104 39.11 43.51 -23.48
CA SER F 104 39.28 43.18 -24.89
C SER F 104 39.96 41.84 -25.10
N ASP F 105 40.66 41.33 -24.09
CA ASP F 105 41.32 40.03 -24.18
C ASP F 105 40.45 38.89 -23.66
N GLY F 106 39.19 39.16 -23.33
CA GLY F 106 38.36 38.13 -22.73
C GLY F 106 38.73 37.78 -21.32
N GLN F 107 39.46 38.64 -20.62
CA GLN F 107 39.83 38.44 -19.23
C GLN F 107 39.16 39.50 -18.37
N TRP F 108 38.81 39.11 -17.15
CA TRP F 108 38.20 40.05 -16.22
C TRP F 108 39.20 41.15 -15.84
N GLY F 109 38.70 42.38 -15.76
CA GLY F 109 39.50 43.46 -15.23
C GLY F 109 39.60 43.41 -13.71
N SER F 110 40.63 44.06 -13.18
CA SER F 110 40.85 44.06 -11.75
C SER F 110 40.06 45.13 -11.01
N TRP F 111 39.55 46.13 -11.72
CA TRP F 111 38.78 47.21 -11.12
C TRP F 111 37.32 46.83 -10.99
N ARG F 112 36.63 47.45 -10.04
CA ARG F 112 35.21 47.21 -9.81
C ARG F 112 34.56 48.47 -9.27
N ASP F 113 33.28 48.62 -9.57
CA ASP F 113 32.45 49.72 -9.09
C ASP F 113 31.30 49.11 -8.29
N HIS F 114 31.43 49.08 -6.97
CA HIS F 114 30.37 48.60 -6.09
C HIS F 114 29.78 49.73 -5.24
N THR F 115 29.84 50.96 -5.75
CA THR F 115 29.34 52.11 -4.99
C THR F 115 27.84 51.99 -4.74
N GLN F 116 27.10 51.44 -5.70
CA GLN F 116 25.66 51.25 -5.52
C GLN F 116 25.32 50.22 -4.45
N CYS F 117 26.30 49.42 -4.01
CA CYS F 117 26.08 48.38 -3.02
C CYS F 117 26.66 48.73 -1.66
N GLU F 118 27.11 49.97 -1.47
CA GLU F 118 27.64 50.38 -0.18
C GLU F 118 26.51 50.51 0.85
N ASN F 119 26.89 50.39 2.11
CA ASN F 119 25.95 50.55 3.22
C ASN F 119 25.36 51.96 3.20
N PRO F 120 24.05 52.12 3.01
CA PRO F 120 23.48 53.48 3.02
C PRO F 120 23.53 54.14 4.38
N GLU F 121 23.41 53.35 5.46
CA GLU F 121 23.44 53.87 6.82
C GLU F 121 22.37 54.93 7.05
NA NA G . 28.68 26.15 -17.28
NA NA H . -20.01 12.01 4.25
#